data_7C6N
#
_entry.id   7C6N
#
_cell.length_a   60.850
_cell.length_b   100.170
_cell.length_c   133.060
_cell.angle_alpha   90.000
_cell.angle_beta   90.000
_cell.angle_gamma   90.000
#
_symmetry.space_group_name_H-M   'P 21 21 21'
#
loop_
_entity.id
_entity.type
_entity.pdbx_description
1 polymer 'Sugar ABC transporter, periplasmic sugar-binding protein'
2 branched beta-D-glucopyranose-(1-4)-beta-D-glucopyranose-(1-4)-beta-D-glucopyranose-(1-4)-beta-D-glucopyranose
3 non-polymer 'CHLORIDE ION'
4 non-polymer 'SULFITE ION'
5 non-polymer 1,2-ETHANEDIOL
6 non-polymer propane-1,1,1,3-tetrol
7 water water
#
_entity_poly.entity_id   1
_entity_poly.type   'polypeptide(L)'
_entity_poly.pdbx_seq_one_letter_code
;MQKTLEVWIMPNSPQPAEDFKALVAPFEKAHGVEVKVTVLDWGVAWTKITTAATSGVGPDLTQLGTTWVGAISAMGVLEP
VDDVLEALGGEKAYLPAVWRTTRLEGARQATAVPWFSELRAFYYRTDALKAAGVNPAEMFASWQGFEAGLARLKASSFRD
PETKAPLAPLCTPGRTPRTLHNAAPWIWGAGGEIVRQAGGRWQSALNSPESLEGLYFFLSLAQKGYVPAESLEKNTAQIE
ADFQAGKCAVFASGPWMIQRAQVPEAKGGFAERTAAKNLGVAPYPAGPKGRYTFFGGSNLALFNFSKNKPLAKELLKYLG
GPEAQVRYAQMTGMLPALRSAWSDPSFQQNPLLRTFIQAAQFGRTYPSLAGWGGVENLAVQHLGMAWDLVAQGRLTREAL
KDLMDKASAAINQALRHHHHHH
;
_entity_poly.pdbx_strand_id   A,B
#
loop_
_chem_comp.id
_chem_comp.type
_chem_comp.name
_chem_comp.formula
BGC D-saccharide, beta linking beta-D-glucopyranose 'C6 H12 O6'
CL non-polymer 'CHLORIDE ION' 'Cl -1'
EDO non-polymer 1,2-ETHANEDIOL 'C2 H6 O2'
FJO non-polymer propane-1,1,1,3-tetrol 'C3 H8 O4'
SO3 non-polymer 'SULFITE ION' 'O3 S -2'
#
# COMPACT_ATOMS: atom_id res chain seq x y z
N LYS A 3 -25.25 -1.13 -17.31
CA LYS A 3 -25.07 -1.38 -15.84
C LYS A 3 -23.70 -2.00 -15.55
N THR A 4 -23.03 -1.52 -14.49
CA THR A 4 -21.64 -1.85 -14.10
C THR A 4 -21.56 -2.13 -12.60
N LEU A 5 -20.83 -3.17 -12.22
CA LEU A 5 -20.39 -3.40 -10.84
C LEU A 5 -18.86 -3.26 -10.81
N GLU A 6 -18.32 -2.65 -9.77
CA GLU A 6 -16.85 -2.73 -9.56
C GLU A 6 -16.54 -3.64 -8.39
N VAL A 7 -15.53 -4.47 -8.59
CA VAL A 7 -15.03 -5.42 -7.57
C VAL A 7 -13.52 -5.23 -7.43
N TRP A 8 -13.05 -5.18 -6.19
CA TRP A 8 -11.62 -5.26 -5.83
C TRP A 8 -11.31 -6.63 -5.28
N ILE A 9 -10.29 -7.24 -5.82
CA ILE A 9 -9.83 -8.58 -5.39
C ILE A 9 -8.32 -8.51 -5.19
N MET A 10 -7.77 -9.47 -4.46
CA MET A 10 -6.32 -9.68 -4.29
C MET A 10 -5.87 -10.80 -5.27
N PRO A 11 -4.54 -11.04 -5.46
CA PRO A 11 -4.08 -12.09 -6.38
C PRO A 11 -4.32 -13.51 -5.86
N ASN A 12 -5.50 -14.03 -6.10
CA ASN A 12 -5.95 -15.31 -5.54
C ASN A 12 -5.56 -16.47 -6.47
N SER A 13 -5.35 -16.21 -7.75
CA SER A 13 -5.10 -17.25 -8.80
C SER A 13 -3.95 -16.79 -9.69
N PRO A 14 -3.38 -17.66 -10.57
CA PRO A 14 -2.28 -17.22 -11.44
C PRO A 14 -2.52 -15.97 -12.31
N GLN A 15 -3.71 -15.83 -12.90
CA GLN A 15 -4.12 -14.64 -13.68
C GLN A 15 -5.34 -14.06 -13.01
N PRO A 16 -5.15 -13.26 -11.96
CA PRO A 16 -6.26 -12.97 -11.06
C PRO A 16 -7.47 -12.36 -11.76
N ALA A 17 -7.27 -11.32 -12.56
CA ALA A 17 -8.34 -10.59 -13.28
C ALA A 17 -9.05 -11.52 -14.28
N GLU A 18 -8.28 -12.23 -15.11
CA GLU A 18 -8.83 -13.09 -16.19
C GLU A 18 -9.65 -14.21 -15.55
N ASP A 19 -9.17 -14.81 -14.47
CA ASP A 19 -9.89 -15.93 -13.79
C ASP A 19 -11.18 -15.39 -13.22
N PHE A 20 -11.12 -14.23 -12.56
CA PHE A 20 -12.31 -13.62 -11.94
C PHE A 20 -13.30 -13.27 -13.04
N LYS A 21 -12.85 -12.70 -14.14
CA LYS A 21 -13.76 -12.38 -15.26
C LYS A 21 -14.41 -13.68 -15.75
N ALA A 22 -13.65 -14.77 -15.88
CA ALA A 22 -14.22 -16.04 -16.39
C ALA A 22 -15.24 -16.57 -15.36
N LEU A 23 -14.96 -16.40 -14.05
CA LEU A 23 -15.86 -16.86 -12.94
C LEU A 23 -17.21 -16.17 -13.04
N VAL A 24 -17.21 -14.85 -13.34
CA VAL A 24 -18.44 -14.03 -13.30
C VAL A 24 -19.10 -13.93 -14.69
N ALA A 25 -18.55 -14.49 -15.78
CA ALA A 25 -19.16 -14.38 -17.13
C ALA A 25 -20.59 -14.94 -17.13
N PRO A 26 -20.95 -16.09 -16.48
CA PRO A 26 -22.34 -16.51 -16.45
C PRO A 26 -23.24 -15.47 -15.78
N PHE A 27 -22.76 -14.83 -14.71
CA PHE A 27 -23.54 -13.79 -14.01
C PHE A 27 -23.77 -12.60 -14.95
N GLU A 28 -22.71 -12.16 -15.63
CA GLU A 28 -22.75 -11.02 -16.58
C GLU A 28 -23.84 -11.27 -17.63
N LYS A 29 -23.87 -12.48 -18.20
CA LYS A 29 -24.86 -12.89 -19.26
C LYS A 29 -26.25 -12.84 -18.67
N ALA A 30 -26.44 -13.47 -17.53
CA ALA A 30 -27.79 -13.70 -16.93
C ALA A 30 -28.38 -12.36 -16.52
N HIS A 31 -27.58 -11.37 -16.10
CA HIS A 31 -28.11 -10.08 -15.58
C HIS A 31 -27.94 -8.95 -16.60
N GLY A 32 -27.24 -9.17 -17.73
CA GLY A 32 -26.95 -8.10 -18.70
C GLY A 32 -26.07 -6.99 -18.11
N VAL A 33 -24.96 -7.33 -17.43
CA VAL A 33 -24.14 -6.35 -16.65
C VAL A 33 -22.67 -6.62 -16.90
N GLU A 34 -21.86 -5.60 -16.73
CA GLU A 34 -20.39 -5.74 -16.80
C GLU A 34 -19.82 -5.67 -15.39
N VAL A 35 -19.04 -6.68 -14.98
CA VAL A 35 -18.27 -6.61 -13.70
C VAL A 35 -16.83 -6.21 -14.06
N LYS A 36 -16.45 -5.02 -13.63
CA LYS A 36 -15.08 -4.49 -13.78
C LYS A 36 -14.28 -4.85 -12.53
N VAL A 37 -13.12 -5.48 -12.68
CA VAL A 37 -12.32 -5.98 -11.53
C VAL A 37 -11.00 -5.19 -11.51
N THR A 38 -10.51 -4.87 -10.32
CA THR A 38 -9.16 -4.33 -10.08
C THR A 38 -8.49 -5.23 -9.04
N VAL A 39 -7.26 -5.62 -9.32
CA VAL A 39 -6.44 -6.52 -8.50
C VAL A 39 -5.49 -5.69 -7.64
N LEU A 40 -5.56 -5.84 -6.32
CA LEU A 40 -4.73 -5.12 -5.32
C LEU A 40 -3.75 -6.13 -4.76
N ASP A 41 -2.45 -5.83 -4.76
CA ASP A 41 -1.46 -6.65 -4.04
C ASP A 41 -1.88 -6.73 -2.58
N TRP A 42 -1.61 -7.85 -1.91
CA TRP A 42 -1.89 -7.98 -0.46
C TRP A 42 -1.10 -6.92 0.32
N GLY A 43 0.07 -6.55 -0.16
CA GLY A 43 0.91 -5.56 0.55
C GLY A 43 0.24 -4.19 0.61
N VAL A 44 -0.64 -3.87 -0.31
CA VAL A 44 -1.21 -2.49 -0.40
C VAL A 44 -2.73 -2.51 -0.16
N ALA A 45 -3.35 -3.70 -0.14
CA ALA A 45 -4.83 -3.86 0.01
C ALA A 45 -5.40 -3.12 1.23
N TRP A 46 -4.82 -3.31 2.41
CA TRP A 46 -5.30 -2.66 3.65
C TRP A 46 -5.39 -1.13 3.45
N THR A 47 -4.32 -0.52 2.97
CA THR A 47 -4.23 0.95 2.72
C THR A 47 -5.35 1.36 1.76
N LYS A 48 -5.47 0.67 0.63
CA LYS A 48 -6.45 0.97 -0.44
C LYS A 48 -7.84 0.80 0.12
N ILE A 49 -8.06 -0.26 0.86
CA ILE A 49 -9.44 -0.56 1.34
C ILE A 49 -9.85 0.42 2.45
N THR A 50 -8.98 0.73 3.39
CA THR A 50 -9.27 1.68 4.49
C THR A 50 -9.39 3.12 3.93
N THR A 51 -8.65 3.45 2.88
CA THR A 51 -8.80 4.75 2.16
C THR A 51 -10.15 4.83 1.43
N ALA A 52 -10.61 3.75 0.83
CA ALA A 52 -11.97 3.71 0.25
C ALA A 52 -12.94 3.88 1.39
N ALA A 53 -12.74 3.20 2.53
CA ALA A 53 -13.69 3.26 3.65
C ALA A 53 -13.87 4.67 4.21
N THR A 54 -12.80 5.40 4.45
CA THR A 54 -12.90 6.72 5.11
C THR A 54 -13.28 7.79 4.06
N SER A 55 -12.89 7.62 2.80
CA SER A 55 -13.09 8.61 1.71
C SER A 55 -14.44 8.48 1.01
N GLY A 56 -15.06 7.30 0.98
CA GLY A 56 -16.28 7.08 0.20
C GLY A 56 -16.00 6.91 -1.28
N VAL A 57 -14.75 6.72 -1.67
CA VAL A 57 -14.41 6.48 -3.11
C VAL A 57 -13.93 5.03 -3.23
N GLY A 58 -14.76 4.20 -3.86
CA GLY A 58 -14.28 2.82 -4.01
C GLY A 58 -15.25 2.01 -4.85
N PRO A 59 -15.10 0.68 -4.80
CA PRO A 59 -15.85 -0.24 -5.62
C PRO A 59 -17.21 -0.50 -4.98
N ASP A 60 -18.04 -1.32 -5.60
CA ASP A 60 -19.28 -1.84 -4.97
C ASP A 60 -18.87 -2.94 -3.98
N LEU A 61 -18.09 -3.92 -4.41
CA LEU A 61 -17.61 -5.04 -3.57
C LEU A 61 -16.08 -4.98 -3.44
N THR A 62 -15.58 -5.38 -2.28
CA THR A 62 -14.14 -5.65 -2.08
C THR A 62 -14.00 -7.02 -1.47
N GLN A 63 -12.97 -7.72 -1.90
CA GLN A 63 -12.41 -8.85 -1.13
C GLN A 63 -11.89 -8.27 0.20
N LEU A 64 -12.18 -8.95 1.30
CA LEU A 64 -11.58 -8.64 2.62
C LEU A 64 -10.98 -9.91 3.14
N GLY A 65 -9.73 -9.87 3.56
CA GLY A 65 -9.23 -10.98 4.39
C GLY A 65 -10.09 -11.20 5.62
N THR A 66 -10.30 -12.46 6.00
CA THR A 66 -11.14 -12.78 7.19
C THR A 66 -10.66 -11.94 8.39
N THR A 67 -9.35 -11.74 8.54
CA THR A 67 -8.83 -11.10 9.78
C THR A 67 -9.09 -9.61 9.79
N TRP A 68 -9.61 -9.06 8.71
CA TRP A 68 -9.87 -7.61 8.52
C TRP A 68 -11.35 -7.29 8.64
N VAL A 69 -12.23 -8.29 8.60
CA VAL A 69 -13.68 -8.01 8.55
C VAL A 69 -14.09 -7.18 9.78
N GLY A 70 -13.60 -7.55 10.97
CA GLY A 70 -14.00 -6.83 12.19
C GLY A 70 -13.64 -5.35 12.08
N ALA A 71 -12.42 -5.07 11.67
CA ALA A 71 -11.84 -3.72 11.65
C ALA A 71 -12.61 -2.84 10.67
N ILE A 72 -12.90 -3.36 9.48
CA ILE A 72 -13.60 -2.56 8.45
C ILE A 72 -15.07 -2.43 8.87
N SER A 73 -15.66 -3.49 9.38
CA SER A 73 -17.05 -3.44 9.85
C SER A 73 -17.18 -2.33 10.92
N ALA A 74 -16.22 -2.25 11.86
CA ALA A 74 -16.30 -1.28 12.99
C ALA A 74 -16.31 0.17 12.49
N MET A 75 -15.84 0.44 11.28
CA MET A 75 -15.81 1.82 10.72
C MET A 75 -17.20 2.21 10.24
N GLY A 76 -18.15 1.26 10.25
CA GLY A 76 -19.56 1.48 9.91
C GLY A 76 -19.75 1.70 8.42
N VAL A 77 -18.90 1.15 7.54
CA VAL A 77 -18.99 1.46 6.08
C VAL A 77 -19.59 0.30 5.27
N LEU A 78 -19.88 -0.84 5.89
CA LEU A 78 -20.33 -2.03 5.14
C LEU A 78 -21.83 -2.24 5.24
N GLU A 79 -22.43 -2.64 4.12
CA GLU A 79 -23.86 -2.98 4.04
C GLU A 79 -24.12 -4.28 4.80
N PRO A 80 -25.17 -4.39 5.65
CA PRO A 80 -25.63 -5.67 6.20
C PRO A 80 -25.91 -6.66 5.06
N VAL A 81 -25.46 -7.89 5.19
CA VAL A 81 -25.64 -8.98 4.19
C VAL A 81 -26.24 -10.25 4.87
N ASP A 82 -26.92 -10.11 6.00
CA ASP A 82 -27.68 -11.23 6.64
C ASP A 82 -28.66 -11.88 5.64
N ASP A 83 -29.30 -11.09 4.80
CA ASP A 83 -30.20 -11.56 3.71
C ASP A 83 -29.45 -12.50 2.76
N VAL A 84 -28.27 -12.12 2.28
CA VAL A 84 -27.47 -12.98 1.37
C VAL A 84 -27.12 -14.28 2.11
N LEU A 85 -26.69 -14.19 3.37
CA LEU A 85 -26.23 -15.37 4.14
C LEU A 85 -27.41 -16.32 4.38
N GLU A 86 -28.61 -15.78 4.63
CA GLU A 86 -29.84 -16.60 4.78
C GLU A 86 -30.13 -17.30 3.46
N ALA A 87 -30.07 -16.60 2.34
CA ALA A 87 -30.27 -17.21 1.01
C ALA A 87 -29.19 -18.26 0.73
N LEU A 88 -27.98 -18.20 1.30
CA LEU A 88 -26.94 -19.23 1.04
C LEU A 88 -27.05 -20.46 1.96
N GLY A 89 -27.96 -20.45 2.93
CA GLY A 89 -28.22 -21.56 3.85
C GLY A 89 -28.03 -21.17 5.30
N GLY A 90 -27.67 -19.92 5.62
CA GLY A 90 -27.53 -19.43 7.01
C GLY A 90 -26.38 -20.09 7.78
N GLU A 91 -26.42 -20.05 9.10
CA GLU A 91 -25.30 -20.45 9.97
C GLU A 91 -24.86 -21.90 9.68
N LYS A 92 -25.80 -22.79 9.40
CA LYS A 92 -25.49 -24.23 9.24
C LYS A 92 -24.73 -24.49 7.94
N ALA A 93 -24.77 -23.57 6.98
CA ALA A 93 -24.07 -23.76 5.69
C ALA A 93 -22.55 -23.54 5.83
N TYR A 94 -22.05 -23.14 7.01
CA TYR A 94 -20.62 -22.78 7.21
C TYR A 94 -20.04 -23.42 8.48
N LEU A 95 -18.78 -23.80 8.42
CA LEU A 95 -17.95 -24.10 9.61
C LEU A 95 -18.11 -22.92 10.59
N PRO A 96 -18.30 -23.17 11.90
CA PRO A 96 -18.44 -22.06 12.86
C PRO A 96 -17.27 -21.07 12.77
N ALA A 97 -16.04 -21.54 12.55
CA ALA A 97 -14.83 -20.67 12.41
C ALA A 97 -15.05 -19.67 11.24
N VAL A 98 -15.69 -20.14 10.17
CA VAL A 98 -16.00 -19.33 8.97
C VAL A 98 -17.15 -18.39 9.31
N TRP A 99 -18.19 -18.89 9.96
CA TRP A 99 -19.34 -18.05 10.34
C TRP A 99 -18.88 -16.84 11.16
N ARG A 100 -17.93 -17.02 12.06
CA ARG A 100 -17.54 -15.94 12.98
C ARG A 100 -16.82 -14.83 12.19
N THR A 101 -16.38 -15.06 10.94
CA THR A 101 -15.72 -14.03 10.06
C THR A 101 -16.76 -13.20 9.26
N THR A 102 -18.05 -13.47 9.38
CA THR A 102 -19.09 -12.73 8.63
C THR A 102 -19.44 -11.45 9.37
N ARG A 103 -18.83 -11.16 10.52
CA ARG A 103 -19.20 -9.98 11.34
C ARG A 103 -18.11 -9.58 12.31
N LEU A 104 -18.15 -8.34 12.76
CA LEU A 104 -17.39 -7.86 13.95
C LEU A 104 -17.91 -8.69 15.14
N GLU A 105 -17.01 -9.27 15.96
CA GLU A 105 -17.43 -9.98 17.20
C GLU A 105 -18.39 -9.07 17.98
N GLY A 106 -19.54 -9.63 18.32
CA GLY A 106 -20.58 -8.99 19.14
C GLY A 106 -21.44 -8.03 18.34
N ALA A 107 -21.38 -8.00 17.01
CA ALA A 107 -22.18 -7.05 16.19
C ALA A 107 -23.54 -7.68 15.86
N ARG A 108 -24.51 -6.80 15.63
CA ARG A 108 -25.91 -7.14 15.37
C ARG A 108 -26.03 -7.78 13.99
N GLN A 109 -25.53 -7.17 12.93
CA GLN A 109 -25.72 -7.66 11.54
C GLN A 109 -24.40 -8.16 10.97
N ALA A 110 -24.50 -9.15 10.07
CA ALA A 110 -23.37 -9.66 9.26
C ALA A 110 -22.99 -8.58 8.26
N THR A 111 -21.69 -8.42 8.00
CA THR A 111 -21.13 -7.45 7.02
C THR A 111 -20.19 -8.11 6.02
N ALA A 112 -20.07 -9.43 5.98
CA ALA A 112 -19.21 -10.06 4.96
C ALA A 112 -19.73 -11.43 4.57
N VAL A 113 -19.65 -11.77 3.29
CA VAL A 113 -20.04 -13.09 2.74
C VAL A 113 -18.80 -13.96 2.55
N PRO A 114 -18.75 -15.17 3.15
CA PRO A 114 -17.57 -16.03 2.96
C PRO A 114 -17.35 -16.34 1.47
N TRP A 115 -16.11 -16.20 0.99
CA TRP A 115 -15.73 -16.45 -0.39
C TRP A 115 -14.84 -17.68 -0.51
N PHE A 116 -13.68 -17.72 0.15
CA PHE A 116 -12.82 -18.93 0.15
C PHE A 116 -12.14 -19.04 1.51
N SER A 117 -11.77 -20.26 1.84
CA SER A 117 -11.00 -20.59 3.05
C SER A 117 -9.60 -21.06 2.69
N GLU A 118 -8.67 -20.92 3.63
CA GLU A 118 -7.27 -21.40 3.39
C GLU A 118 -6.69 -21.69 4.76
N LEU A 119 -5.77 -22.62 4.82
CA LEU A 119 -5.08 -22.87 6.12
C LEU A 119 -3.66 -23.32 5.78
N ARG A 120 -2.79 -23.39 6.78
CA ARG A 120 -1.33 -23.47 6.54
C ARG A 120 -0.88 -24.88 6.86
N ALA A 121 0.05 -25.37 6.05
CA ALA A 121 0.69 -26.68 6.25
C ALA A 121 2.06 -26.59 5.59
N PHE A 122 2.88 -27.63 5.75
CA PHE A 122 4.26 -27.68 5.26
C PHE A 122 4.30 -28.39 3.95
N TYR A 123 4.76 -27.68 2.92
CA TYR A 123 5.27 -28.30 1.68
C TYR A 123 6.63 -28.88 2.05
N TYR A 124 6.98 -29.99 1.45
CA TYR A 124 8.28 -30.61 1.59
C TYR A 124 8.68 -31.27 0.28
N ARG A 125 9.99 -31.36 0.10
CA ARG A 125 10.62 -32.02 -1.05
C ARG A 125 10.68 -33.50 -0.73
N THR A 126 9.98 -34.32 -1.49
CA THR A 126 9.86 -35.76 -1.21
C THR A 126 11.22 -36.40 -1.49
N ASP A 127 11.91 -35.95 -2.55
CA ASP A 127 13.25 -36.44 -2.92
C ASP A 127 14.24 -36.07 -1.83
N ALA A 128 14.21 -34.84 -1.32
CA ALA A 128 15.18 -34.42 -0.29
C ALA A 128 14.97 -35.17 1.06
N LEU A 129 13.74 -35.35 1.50
CA LEU A 129 13.50 -36.04 2.79
C LEU A 129 13.90 -37.52 2.65
N LYS A 130 13.60 -38.16 1.52
CA LYS A 130 14.04 -39.56 1.29
C LYS A 130 15.58 -39.62 1.39
N ALA A 131 16.28 -38.72 0.71
CA ALA A 131 17.76 -38.70 0.66
C ALA A 131 18.32 -38.44 2.04
N ALA A 132 17.64 -37.66 2.89
CA ALA A 132 18.13 -37.35 4.24
C ALA A 132 17.83 -38.52 5.19
N GLY A 133 17.02 -39.47 4.81
CA GLY A 133 16.52 -40.50 5.75
C GLY A 133 15.48 -39.98 6.71
N VAL A 134 14.64 -39.04 6.29
CA VAL A 134 13.54 -38.49 7.12
C VAL A 134 12.21 -39.10 6.70
N ASN A 135 11.50 -39.66 7.67
CA ASN A 135 10.10 -40.14 7.43
C ASN A 135 9.18 -38.96 7.73
N PRO A 136 8.48 -38.36 6.74
CA PRO A 136 7.68 -37.20 7.01
C PRO A 136 6.65 -37.46 8.14
N ALA A 137 6.16 -38.69 8.28
CA ALA A 137 5.19 -39.03 9.34
C ALA A 137 5.84 -38.75 10.71
N GLU A 138 7.15 -39.03 10.89
CA GLU A 138 7.82 -38.72 12.16
C GLU A 138 8.14 -37.21 12.23
N MET A 139 8.70 -36.62 11.17
CA MET A 139 9.13 -35.21 11.20
C MET A 139 7.97 -34.30 11.58
N PHE A 140 6.76 -34.55 11.07
CA PHE A 140 5.67 -33.56 11.17
C PHE A 140 4.69 -33.95 12.30
N ALA A 141 5.07 -34.88 13.19
CA ALA A 141 4.15 -35.33 14.25
C ALA A 141 4.32 -34.39 15.45
N SER A 142 5.55 -33.93 15.74
CA SER A 142 5.85 -33.33 17.04
C SER A 142 6.95 -32.29 16.85
N TRP A 143 7.06 -31.37 17.78
CA TRP A 143 8.15 -30.37 17.75
C TRP A 143 9.47 -31.12 17.74
N GLN A 144 9.57 -32.15 18.57
CA GLN A 144 10.85 -32.90 18.71
C GLN A 144 11.15 -33.59 17.37
N GLY A 145 10.15 -34.19 16.74
CA GLY A 145 10.36 -34.85 15.44
C GLY A 145 10.75 -33.82 14.37
N PHE A 146 10.22 -32.62 14.50
CA PHE A 146 10.41 -31.53 13.52
C PHE A 146 11.88 -31.13 13.56
N GLU A 147 12.34 -30.80 14.73
CA GLU A 147 13.77 -30.41 14.95
C GLU A 147 14.70 -31.57 14.55
N ALA A 148 14.35 -32.81 14.86
CA ALA A 148 15.18 -34.00 14.55
C ALA A 148 15.24 -34.16 13.01
N GLY A 149 14.14 -33.93 12.31
CA GLY A 149 14.18 -34.04 10.85
C GLY A 149 14.99 -32.89 10.24
N LEU A 150 14.86 -31.68 10.75
CA LEU A 150 15.66 -30.56 10.25
C LEU A 150 17.15 -30.88 10.48
N ALA A 151 17.53 -31.49 11.61
CA ALA A 151 18.96 -31.88 11.83
C ALA A 151 19.42 -32.90 10.76
N ARG A 152 18.58 -33.88 10.42
CA ARG A 152 18.89 -34.84 9.34
C ARG A 152 19.01 -34.12 7.98
N LEU A 153 18.12 -33.17 7.68
CA LEU A 153 18.17 -32.44 6.39
C LEU A 153 19.45 -31.62 6.34
N LYS A 154 19.86 -31.03 7.46
CA LYS A 154 21.12 -30.27 7.55
C LYS A 154 22.34 -31.18 7.24
N ALA A 155 22.29 -32.43 7.67
CA ALA A 155 23.43 -33.35 7.55
C ALA A 155 23.42 -34.06 6.18
N SER A 156 22.39 -33.82 5.38
CA SER A 156 22.14 -34.57 4.14
C SER A 156 23.22 -34.21 3.11
N SER A 157 23.62 -35.18 2.30
CA SER A 157 24.50 -34.91 1.12
C SER A 157 23.65 -34.66 -0.12
N PHE A 158 22.33 -34.60 -0.02
CA PHE A 158 21.44 -34.37 -1.20
C PHE A 158 21.79 -33.03 -1.87
N ARG A 159 21.77 -33.00 -3.20
CA ARG A 159 21.91 -31.71 -3.96
C ARG A 159 20.76 -31.69 -4.98
N ASP A 160 20.15 -30.55 -5.22
CA ASP A 160 19.06 -30.47 -6.22
C ASP A 160 19.61 -30.82 -7.60
N PRO A 161 18.87 -31.61 -8.41
CA PRO A 161 19.40 -32.02 -9.71
C PRO A 161 19.44 -30.88 -10.73
N GLU A 162 18.78 -29.75 -10.48
CA GLU A 162 18.88 -28.56 -11.38
C GLU A 162 19.90 -27.58 -10.81
N THR A 163 19.79 -27.19 -9.56
CA THR A 163 20.69 -26.15 -9.00
C THR A 163 22.08 -26.75 -8.77
N LYS A 164 22.21 -28.07 -8.65
CA LYS A 164 23.52 -28.71 -8.29
C LYS A 164 24.05 -28.17 -6.95
N ALA A 165 23.14 -27.73 -6.08
CA ALA A 165 23.51 -27.11 -4.79
C ALA A 165 22.72 -27.87 -3.71
N PRO A 166 23.21 -27.82 -2.47
CA PRO A 166 22.44 -28.30 -1.29
C PRO A 166 21.16 -27.49 -1.11
N LEU A 167 20.18 -28.05 -0.40
CA LEU A 167 18.94 -27.34 -0.04
C LEU A 167 19.09 -26.87 1.41
N ALA A 168 18.52 -25.69 1.73
CA ALA A 168 18.26 -25.32 3.14
C ALA A 168 17.25 -26.30 3.74
N PRO A 169 17.43 -26.70 5.00
CA PRO A 169 16.42 -27.54 5.67
C PRO A 169 15.04 -26.88 5.73
N LEU A 170 14.97 -25.61 6.18
CA LEU A 170 13.72 -24.86 6.33
C LEU A 170 13.89 -23.49 5.68
N CYS A 171 12.91 -23.07 4.91
CA CYS A 171 12.84 -21.66 4.50
C CYS A 171 11.69 -20.99 5.23
N THR A 172 12.00 -19.91 5.90
CA THR A 172 10.99 -19.01 6.51
C THR A 172 11.57 -17.61 6.41
N PRO A 173 10.73 -16.59 6.09
CA PRO A 173 11.17 -15.22 5.95
C PRO A 173 11.55 -14.62 7.29
N GLY A 174 12.63 -13.83 7.28
CA GLY A 174 13.03 -13.06 8.47
C GLY A 174 12.90 -11.54 8.27
N ARG A 175 12.45 -11.06 7.13
CA ARG A 175 12.13 -9.62 7.01
C ARG A 175 10.97 -9.35 7.96
N THR A 176 10.70 -8.07 8.25
CA THR A 176 9.53 -7.68 9.07
C THR A 176 8.33 -8.35 8.41
N PRO A 177 7.72 -9.35 9.07
CA PRO A 177 6.54 -9.98 8.50
C PRO A 177 5.43 -8.94 8.33
N ARG A 178 4.50 -9.23 7.46
CA ARG A 178 3.24 -8.45 7.35
C ARG A 178 2.20 -9.02 8.32
N THR A 179 2.28 -10.30 8.66
CA THR A 179 1.31 -10.99 9.52
C THR A 179 2.00 -11.90 10.54
N LEU A 180 1.22 -12.40 11.50
CA LEU A 180 1.64 -13.43 12.46
C LEU A 180 1.29 -14.82 11.91
N HIS A 181 0.94 -14.98 10.63
CA HIS A 181 0.46 -16.31 10.11
C HIS A 181 1.54 -17.39 10.34
N ASN A 182 2.82 -17.04 10.17
CA ASN A 182 3.94 -18.00 10.27
C ASN A 182 4.22 -18.33 11.74
N ALA A 183 4.09 -17.39 12.62
CA ALA A 183 4.41 -17.50 14.06
C ALA A 183 3.26 -18.10 14.86
N ALA A 184 2.00 -17.89 14.45
CA ALA A 184 0.81 -18.25 15.26
C ALA A 184 0.77 -19.72 15.68
N PRO A 185 1.07 -20.68 14.79
CA PRO A 185 0.93 -22.08 15.12
C PRO A 185 1.94 -22.45 16.23
N TRP A 186 3.10 -21.79 16.28
CA TRP A 186 4.12 -22.07 17.34
C TRP A 186 3.65 -21.46 18.66
N ILE A 187 3.10 -20.23 18.63
CA ILE A 187 2.47 -19.63 19.83
C ILE A 187 1.37 -20.58 20.36
N TRP A 188 0.53 -21.06 19.45
CA TRP A 188 -0.66 -21.85 19.84
C TRP A 188 -0.24 -23.23 20.36
N GLY A 189 0.66 -23.89 19.65
CA GLY A 189 1.20 -25.23 19.99
C GLY A 189 1.81 -25.24 21.38
N ALA A 190 2.42 -24.13 21.83
CA ALA A 190 3.00 -24.08 23.19
C ALA A 190 1.90 -23.81 24.24
N GLY A 191 0.65 -23.61 23.85
CA GLY A 191 -0.48 -23.28 24.74
C GLY A 191 -0.60 -21.77 24.94
N GLY A 192 0.01 -20.97 24.04
CA GLY A 192 -0.11 -19.49 24.05
C GLY A 192 -1.25 -18.98 23.18
N GLU A 193 -1.33 -17.66 23.05
CA GLU A 193 -2.37 -16.89 22.37
C GLU A 193 -1.77 -15.54 22.00
N ILE A 194 -2.33 -14.88 21.00
CA ILE A 194 -1.89 -13.51 20.60
C ILE A 194 -2.55 -12.50 21.54
N VAL A 195 -3.86 -12.64 21.68
CA VAL A 195 -4.70 -11.89 22.62
C VAL A 195 -5.57 -12.88 23.41
N ARG A 196 -6.03 -12.42 24.56
CA ARG A 196 -6.82 -13.18 25.56
C ARG A 196 -7.86 -12.22 26.11
N GLN A 197 -9.11 -12.69 26.21
CA GLN A 197 -10.25 -11.97 26.84
C GLN A 197 -10.31 -12.37 28.30
N ALA A 198 -10.24 -11.41 29.21
CA ALA A 198 -10.48 -11.65 30.66
C ALA A 198 -11.50 -10.62 31.16
N GLY A 199 -12.68 -11.11 31.54
CA GLY A 199 -13.83 -10.31 32.01
C GLY A 199 -14.32 -9.35 30.93
N GLY A 200 -14.44 -9.84 29.69
CA GLY A 200 -14.88 -9.05 28.52
C GLY A 200 -13.71 -8.36 27.79
N ARG A 201 -12.63 -7.93 28.48
CA ARG A 201 -11.61 -7.01 27.85
C ARG A 201 -10.45 -7.81 27.20
N TRP A 202 -10.05 -7.43 26.00
CA TRP A 202 -8.98 -8.13 25.28
C TRP A 202 -7.62 -7.54 25.71
N GLN A 203 -6.64 -8.40 25.95
CA GLN A 203 -5.23 -8.02 26.22
C GLN A 203 -4.28 -8.86 25.37
N SER A 204 -3.07 -8.37 25.09
CA SER A 204 -1.96 -9.17 24.51
C SER A 204 -1.70 -10.35 25.44
N ALA A 205 -1.39 -11.52 24.86
CA ALA A 205 -0.80 -12.66 25.59
C ALA A 205 0.51 -13.05 24.91
N LEU A 206 1.05 -12.18 24.06
CA LEU A 206 2.33 -12.48 23.34
C LEU A 206 3.48 -12.61 24.32
N ASN A 207 3.36 -12.03 25.52
CA ASN A 207 4.42 -12.07 26.57
C ASN A 207 4.08 -13.06 27.71
N SER A 208 3.07 -13.90 27.56
CA SER A 208 2.83 -15.07 28.46
C SER A 208 3.98 -16.07 28.34
N PRO A 209 4.26 -16.88 29.41
CA PRO A 209 5.35 -17.84 29.31
C PRO A 209 5.13 -18.81 28.13
N GLU A 210 3.90 -19.18 27.85
CA GLU A 210 3.58 -20.18 26.79
C GLU A 210 3.85 -19.55 25.41
N SER A 211 3.39 -18.32 25.16
CA SER A 211 3.59 -17.67 23.85
C SER A 211 5.10 -17.52 23.64
N LEU A 212 5.82 -17.14 24.69
CA LEU A 212 7.29 -16.94 24.58
C LEU A 212 7.98 -18.28 24.29
N GLU A 213 7.53 -19.36 24.89
CA GLU A 213 8.10 -20.70 24.63
C GLU A 213 7.95 -21.03 23.13
N GLY A 214 6.75 -20.88 22.58
CA GLY A 214 6.51 -21.18 21.17
C GLY A 214 7.29 -20.29 20.25
N LEU A 215 7.30 -18.97 20.51
CA LEU A 215 8.00 -18.01 19.64
C LEU A 215 9.49 -18.30 19.67
N TYR A 216 10.02 -18.52 20.88
CA TYR A 216 11.45 -18.85 21.03
C TYR A 216 11.74 -20.13 20.24
N PHE A 217 10.93 -21.17 20.37
CA PHE A 217 11.20 -22.48 19.71
C PHE A 217 11.38 -22.25 18.22
N PHE A 218 10.46 -21.47 17.65
CA PHE A 218 10.39 -21.21 16.19
C PHE A 218 11.57 -20.35 15.75
N LEU A 219 11.79 -19.21 16.39
CA LEU A 219 12.86 -18.27 15.99
C LEU A 219 14.23 -18.95 16.19
N SER A 220 14.38 -19.75 17.22
CA SER A 220 15.69 -20.41 17.53
C SER A 220 16.01 -21.50 16.49
N LEU A 221 15.03 -22.03 15.73
CA LEU A 221 15.36 -22.97 14.63
C LEU A 221 16.33 -22.27 13.64
N ALA A 222 16.16 -20.97 13.40
CA ALA A 222 17.00 -20.25 12.44
C ALA A 222 18.36 -20.00 13.05
N GLN A 223 18.39 -19.70 14.34
CA GLN A 223 19.63 -19.42 15.13
C GLN A 223 20.40 -20.72 15.28
N LYS A 224 19.75 -21.89 15.26
CA LYS A 224 20.47 -23.19 15.29
C LYS A 224 21.00 -23.56 13.91
N GLY A 225 20.78 -22.76 12.88
CA GLY A 225 21.37 -23.03 11.55
C GLY A 225 20.43 -23.78 10.58
N TYR A 226 19.15 -23.95 10.88
CA TYR A 226 18.23 -24.75 9.99
C TYR A 226 17.64 -23.87 8.90
N VAL A 227 17.73 -22.56 9.10
CA VAL A 227 17.30 -21.50 8.15
C VAL A 227 18.56 -20.76 7.77
N PRO A 228 18.95 -20.68 6.48
CA PRO A 228 20.14 -19.93 6.10
C PRO A 228 20.00 -18.42 6.35
N ALA A 229 21.13 -17.75 6.58
CA ALA A 229 21.26 -16.27 6.74
C ALA A 229 20.46 -15.52 5.66
N GLU A 230 20.60 -15.95 4.40
CA GLU A 230 20.01 -15.26 3.22
C GLU A 230 18.48 -15.15 3.43
N SER A 231 17.86 -16.16 4.05
CA SER A 231 16.39 -16.30 4.19
C SER A 231 15.87 -15.23 5.14
N LEU A 232 16.67 -14.83 6.11
CA LEU A 232 16.23 -13.85 7.14
C LEU A 232 16.19 -12.44 6.50
N GLU A 233 16.78 -12.27 5.33
CA GLU A 233 16.81 -10.98 4.58
C GLU A 233 15.71 -11.02 3.51
N LYS A 234 14.85 -12.03 3.53
CA LYS A 234 13.80 -12.24 2.49
C LYS A 234 12.41 -12.21 3.12
N ASN A 235 11.44 -11.93 2.27
CA ASN A 235 10.01 -11.84 2.64
C ASN A 235 9.34 -13.11 2.10
N THR A 236 8.04 -13.24 2.30
CA THR A 236 7.27 -14.44 1.89
C THR A 236 7.42 -14.71 0.40
N ALA A 237 7.27 -13.68 -0.46
CA ALA A 237 7.26 -13.89 -1.92
C ALA A 237 8.63 -14.44 -2.32
N GLN A 238 9.71 -13.93 -1.75
CA GLN A 238 11.08 -14.38 -2.10
C GLN A 238 11.30 -15.81 -1.58
N ILE A 239 10.78 -16.14 -0.39
CA ILE A 239 11.00 -17.50 0.17
C ILE A 239 10.24 -18.52 -0.71
N GLU A 240 9.03 -18.16 -1.14
CA GLU A 240 8.20 -19.01 -2.03
C GLU A 240 8.96 -19.29 -3.31
N ALA A 241 9.54 -18.26 -3.90
CA ALA A 241 10.33 -18.39 -5.14
C ALA A 241 11.52 -19.30 -4.86
N ASP A 242 12.18 -19.16 -3.71
CA ASP A 242 13.35 -20.01 -3.33
C ASP A 242 12.94 -21.49 -3.27
N PHE A 243 11.80 -21.78 -2.64
CA PHE A 243 11.28 -23.17 -2.54
C PHE A 243 11.04 -23.73 -3.95
N GLN A 244 10.32 -22.98 -4.79
CA GLN A 244 10.03 -23.33 -6.20
C GLN A 244 11.31 -23.52 -7.02
N ALA A 245 12.35 -22.71 -6.78
CA ALA A 245 13.64 -22.80 -7.51
C ALA A 245 14.56 -23.87 -6.88
N GLY A 246 14.12 -24.65 -5.88
CA GLY A 246 14.83 -25.87 -5.46
C GLY A 246 15.91 -25.59 -4.41
N LYS A 247 15.77 -24.51 -3.65
CA LYS A 247 16.73 -24.06 -2.64
C LYS A 247 16.29 -24.42 -1.20
N CYS A 248 15.14 -25.02 -0.94
CA CYS A 248 14.63 -25.26 0.42
C CYS A 248 13.95 -26.62 0.47
N ALA A 249 14.11 -27.39 1.54
CA ALA A 249 13.49 -28.72 1.62
C ALA A 249 12.06 -28.59 2.15
N VAL A 250 11.78 -27.59 3.01
CA VAL A 250 10.51 -27.51 3.76
C VAL A 250 10.11 -26.05 3.83
N PHE A 251 8.82 -25.78 3.65
CA PHE A 251 8.25 -24.40 3.57
C PHE A 251 6.78 -24.45 3.91
N ALA A 252 6.32 -23.61 4.85
CA ALA A 252 4.91 -23.48 5.28
C ALA A 252 4.16 -22.55 4.33
N SER A 253 3.02 -22.96 3.79
CA SER A 253 2.19 -22.04 2.95
C SER A 253 0.76 -22.59 2.95
N GLY A 254 -0.10 -21.99 2.12
CA GLY A 254 -1.50 -22.37 1.94
C GLY A 254 -1.66 -23.36 0.79
N PRO A 255 -2.90 -23.81 0.54
CA PRO A 255 -3.18 -24.86 -0.45
C PRO A 255 -3.00 -24.37 -1.90
N TRP A 256 -2.92 -23.06 -2.10
CA TRP A 256 -2.80 -22.49 -3.45
C TRP A 256 -1.58 -23.04 -4.16
N MET A 257 -0.52 -23.32 -3.43
CA MET A 257 0.73 -23.76 -4.05
C MET A 257 0.54 -25.11 -4.76
N ILE A 258 -0.36 -25.95 -4.31
CA ILE A 258 -0.68 -27.23 -5.03
C ILE A 258 -1.12 -26.87 -6.46
N GLN A 259 -1.99 -25.89 -6.59
CA GLN A 259 -2.54 -25.47 -7.90
C GLN A 259 -1.37 -24.90 -8.70
N ARG A 260 -0.54 -24.04 -8.10
CA ARG A 260 0.55 -23.36 -8.84
C ARG A 260 1.53 -24.42 -9.36
N ALA A 261 1.71 -25.53 -8.63
CA ALA A 261 2.63 -26.63 -8.98
C ALA A 261 2.17 -27.34 -10.26
N GLN A 262 0.89 -27.25 -10.62
CA GLN A 262 0.27 -27.86 -11.84
C GLN A 262 0.19 -26.87 -12.98
N VAL A 263 0.64 -25.63 -12.82
CA VAL A 263 0.54 -24.57 -13.86
C VAL A 263 1.93 -24.29 -14.43
N PRO A 264 2.09 -24.23 -15.76
CA PRO A 264 3.37 -23.85 -16.35
C PRO A 264 3.89 -22.50 -15.84
N GLU A 265 5.22 -22.34 -15.79
CA GLU A 265 5.88 -21.04 -15.48
C GLU A 265 5.29 -19.94 -16.35
N ALA A 266 5.08 -20.24 -17.63
CA ALA A 266 4.48 -19.34 -18.66
C ALA A 266 3.24 -18.65 -18.08
N LYS A 267 2.41 -19.42 -17.36
CA LYS A 267 1.11 -18.96 -16.81
C LYS A 267 1.20 -18.60 -15.31
N GLY A 268 2.41 -18.40 -14.75
CA GLY A 268 2.64 -17.96 -13.36
C GLY A 268 2.63 -19.11 -12.35
N GLY A 269 2.86 -20.34 -12.81
CA GLY A 269 3.04 -21.55 -11.98
C GLY A 269 4.49 -21.94 -11.85
N PHE A 270 4.77 -23.21 -11.48
CA PHE A 270 6.16 -23.72 -11.36
C PHE A 270 6.21 -25.19 -11.72
N ALA A 271 5.35 -25.65 -12.62
CA ALA A 271 5.16 -27.07 -12.98
C ALA A 271 6.45 -27.69 -13.54
N GLU A 272 7.29 -26.90 -14.21
CA GLU A 272 8.53 -27.44 -14.85
C GLU A 272 9.59 -27.74 -13.78
N ARG A 273 9.46 -27.20 -12.57
CA ARG A 273 10.56 -27.21 -11.54
C ARG A 273 10.60 -28.58 -10.84
N THR A 274 11.79 -29.02 -10.45
CA THR A 274 11.97 -30.25 -9.66
CA THR A 274 11.94 -30.27 -9.68
C THR A 274 11.05 -30.25 -8.42
N ALA A 275 10.87 -29.11 -7.75
CA ALA A 275 10.03 -29.03 -6.51
C ALA A 275 8.59 -29.46 -6.83
N ALA A 276 8.03 -29.00 -7.95
CA ALA A 276 6.67 -29.37 -8.42
C ALA A 276 6.55 -30.88 -8.63
N LYS A 277 7.60 -31.55 -9.05
CA LYS A 277 7.57 -33.00 -9.40
C LYS A 277 7.98 -33.88 -8.22
N ASN A 278 8.29 -33.27 -7.07
CA ASN A 278 8.79 -33.97 -5.86
C ASN A 278 8.12 -33.27 -4.68
N LEU A 279 6.81 -33.07 -4.78
CA LEU A 279 6.09 -32.17 -3.88
C LEU A 279 5.29 -32.98 -2.88
N GLY A 280 5.48 -32.69 -1.59
CA GLY A 280 4.70 -33.33 -0.52
C GLY A 280 4.08 -32.29 0.37
N VAL A 281 3.13 -32.69 1.19
CA VAL A 281 2.43 -31.79 2.10
C VAL A 281 2.25 -32.54 3.41
N ALA A 282 2.54 -31.87 4.51
CA ALA A 282 2.35 -32.46 5.85
C ALA A 282 1.83 -31.37 6.78
N PRO A 283 1.03 -31.71 7.78
CA PRO A 283 0.54 -30.71 8.74
C PRO A 283 1.66 -30.13 9.61
N TYR A 284 1.40 -28.99 10.22
CA TYR A 284 2.23 -28.49 11.35
C TYR A 284 2.30 -29.57 12.42
N PRO A 285 3.50 -29.73 13.04
CA PRO A 285 3.67 -30.70 14.10
C PRO A 285 2.86 -30.31 15.34
N ALA A 286 2.45 -31.28 16.16
CA ALA A 286 1.83 -30.99 17.47
C ALA A 286 2.89 -30.38 18.41
N GLY A 287 2.56 -29.27 19.07
CA GLY A 287 3.40 -28.73 20.13
C GLY A 287 3.01 -29.37 21.45
N PRO A 288 3.66 -28.95 22.54
CA PRO A 288 3.42 -29.54 23.86
C PRO A 288 1.97 -29.39 24.35
N LYS A 289 1.21 -28.39 23.89
CA LYS A 289 -0.20 -28.19 24.30
C LYS A 289 -1.15 -28.43 23.13
N GLY A 290 -0.68 -29.03 22.05
CA GLY A 290 -1.55 -29.60 21.01
C GLY A 290 -1.15 -29.15 19.63
N ARG A 291 -1.99 -29.50 18.68
CA ARG A 291 -1.80 -29.22 17.26
C ARG A 291 -2.70 -28.07 16.83
N TYR A 292 -2.11 -27.04 16.25
CA TYR A 292 -2.89 -25.93 15.64
C TYR A 292 -2.26 -25.52 14.33
N THR A 293 -3.07 -24.97 13.44
CA THR A 293 -2.53 -24.20 12.31
C THR A 293 -3.40 -22.96 12.10
N PHE A 294 -2.87 -21.98 11.42
CA PHE A 294 -3.60 -20.76 11.02
C PHE A 294 -4.68 -21.17 10.00
N PHE A 295 -5.92 -20.79 10.27
CA PHE A 295 -7.07 -20.98 9.34
C PHE A 295 -7.62 -19.59 9.00
N GLY A 296 -7.56 -19.19 7.75
CA GLY A 296 -8.18 -17.94 7.30
C GLY A 296 -8.97 -18.06 6.01
N GLY A 297 -8.66 -17.16 5.09
CA GLY A 297 -9.38 -17.03 3.82
C GLY A 297 -9.84 -15.59 3.64
N SER A 298 -10.83 -15.39 2.79
CA SER A 298 -11.29 -14.06 2.35
C SER A 298 -12.81 -14.12 2.18
N ASN A 299 -13.42 -12.98 2.46
CA ASN A 299 -14.85 -12.74 2.35
C ASN A 299 -15.05 -11.64 1.33
N LEU A 300 -16.29 -11.38 0.95
CA LEU A 300 -16.67 -10.24 0.09
C LEU A 300 -17.61 -9.33 0.91
N ALA A 301 -17.40 -8.04 0.76
CA ALA A 301 -18.19 -7.05 1.48
C ALA A 301 -18.64 -5.98 0.49
N LEU A 302 -19.78 -5.38 0.78
CA LEU A 302 -20.43 -4.35 -0.06
C LEU A 302 -20.36 -3.02 0.71
N PHE A 303 -19.69 -2.04 0.14
CA PHE A 303 -19.64 -0.67 0.70
C PHE A 303 -21.06 -0.09 0.73
N ASN A 304 -21.44 0.48 1.86
CA ASN A 304 -22.75 1.13 2.09
C ASN A 304 -22.87 2.41 1.23
N PHE A 305 -21.81 2.85 0.55
CA PHE A 305 -21.93 3.99 -0.39
C PHE A 305 -22.17 3.47 -1.82
N SER A 306 -22.21 2.17 -2.05
CA SER A 306 -22.49 1.63 -3.39
C SER A 306 -23.83 2.20 -3.88
N LYS A 307 -23.92 2.48 -5.17
CA LYS A 307 -25.17 2.87 -5.87
C LYS A 307 -25.82 1.64 -6.51
N ASN A 308 -25.32 0.42 -6.30
CA ASN A 308 -25.88 -0.77 -7.01
C ASN A 308 -26.07 -1.91 -6.01
N LYS A 309 -26.67 -1.65 -4.86
CA LYS A 309 -26.76 -2.61 -3.75
C LYS A 309 -27.53 -3.87 -4.12
N PRO A 310 -28.72 -3.77 -4.73
CA PRO A 310 -29.48 -4.98 -5.10
C PRO A 310 -28.71 -5.87 -6.08
N LEU A 311 -28.15 -5.32 -7.15
CA LEU A 311 -27.32 -6.10 -8.08
C LEU A 311 -26.07 -6.69 -7.40
N ALA A 312 -25.41 -5.90 -6.57
CA ALA A 312 -24.19 -6.29 -5.84
C ALA A 312 -24.53 -7.49 -4.97
N LYS A 313 -25.68 -7.46 -4.28
CA LYS A 313 -26.07 -8.60 -3.44
C LYS A 313 -26.38 -9.85 -4.25
N GLU A 314 -26.95 -9.70 -5.45
CA GLU A 314 -27.11 -10.83 -6.39
C GLU A 314 -25.71 -11.42 -6.67
N LEU A 315 -24.70 -10.57 -6.89
CA LEU A 315 -23.34 -11.08 -7.19
C LEU A 315 -22.76 -11.75 -5.94
N LEU A 316 -23.02 -11.22 -4.75
CA LEU A 316 -22.59 -11.91 -3.51
C LEU A 316 -23.27 -13.29 -3.46
N LYS A 317 -24.54 -13.41 -3.78
CA LYS A 317 -25.22 -14.73 -3.69
C LYS A 317 -24.63 -15.70 -4.72
N TYR A 318 -24.30 -15.19 -5.90
CA TYR A 318 -23.65 -15.98 -6.95
C TYR A 318 -22.28 -16.47 -6.45
N LEU A 319 -21.43 -15.55 -6.03
CA LEU A 319 -20.03 -15.88 -5.68
C LEU A 319 -20.00 -16.75 -4.42
N GLY A 320 -20.99 -16.61 -3.54
CA GLY A 320 -21.10 -17.42 -2.32
C GLY A 320 -21.71 -18.81 -2.53
N GLY A 321 -22.34 -19.07 -3.70
CA GLY A 321 -23.20 -20.26 -3.91
C GLY A 321 -22.39 -21.44 -4.45
N PRO A 322 -22.99 -22.64 -4.47
CA PRO A 322 -22.22 -23.86 -4.76
C PRO A 322 -21.41 -23.84 -6.07
N GLU A 323 -21.99 -23.37 -7.17
CA GLU A 323 -21.33 -23.45 -8.53
C GLU A 323 -20.03 -22.61 -8.52
N ALA A 324 -20.15 -21.32 -8.17
CA ALA A 324 -19.02 -20.38 -8.14
C ALA A 324 -18.03 -20.81 -7.04
N GLN A 325 -18.52 -21.34 -5.92
CA GLN A 325 -17.69 -21.73 -4.76
C GLN A 325 -16.75 -22.84 -5.22
N VAL A 326 -17.24 -23.86 -5.92
CA VAL A 326 -16.40 -24.96 -6.41
C VAL A 326 -15.48 -24.42 -7.53
N ARG A 327 -16.03 -23.70 -8.48
CA ARG A 327 -15.23 -23.23 -9.62
C ARG A 327 -14.04 -22.34 -9.18
N TYR A 328 -14.29 -21.40 -8.27
CA TYR A 328 -13.24 -20.46 -7.86
C TYR A 328 -12.17 -21.17 -7.03
N ALA A 329 -12.57 -22.11 -6.16
CA ALA A 329 -11.61 -22.93 -5.41
C ALA A 329 -10.73 -23.68 -6.41
N GLN A 330 -11.29 -24.18 -7.48
CA GLN A 330 -10.52 -24.92 -8.51
C GLN A 330 -9.51 -23.97 -9.16
N MET A 331 -9.94 -22.77 -9.49
CA MET A 331 -9.09 -21.79 -10.22
C MET A 331 -7.95 -21.35 -9.31
N THR A 332 -8.20 -21.23 -8.00
CA THR A 332 -7.27 -20.54 -7.07
C THR A 332 -6.37 -21.54 -6.35
N GLY A 333 -6.79 -22.78 -6.17
CA GLY A 333 -6.14 -23.72 -5.23
C GLY A 333 -6.58 -23.50 -3.80
N MET A 334 -7.50 -22.58 -3.53
CA MET A 334 -8.06 -22.34 -2.17
C MET A 334 -9.13 -23.41 -1.90
N LEU A 335 -9.67 -23.45 -0.70
CA LEU A 335 -10.84 -24.30 -0.39
C LEU A 335 -12.10 -23.43 -0.39
N PRO A 336 -13.26 -24.02 -0.68
CA PRO A 336 -14.52 -23.29 -0.62
C PRO A 336 -14.78 -22.75 0.78
N ALA A 337 -15.44 -21.60 0.86
CA ALA A 337 -15.89 -21.11 2.17
C ALA A 337 -17.21 -21.82 2.56
N LEU A 338 -17.97 -22.30 1.58
CA LEU A 338 -19.27 -22.97 1.79
C LEU A 338 -19.03 -24.47 2.08
N ARG A 339 -19.40 -24.90 3.28
CA ARG A 339 -19.04 -26.20 3.88
C ARG A 339 -19.44 -27.34 2.93
N SER A 340 -20.62 -27.24 2.30
CA SER A 340 -21.14 -28.32 1.42
C SER A 340 -20.20 -28.52 0.24
N ALA A 341 -19.54 -27.46 -0.28
CA ALA A 341 -18.67 -27.54 -1.45
C ALA A 341 -17.36 -28.28 -1.10
N TRP A 342 -16.99 -28.45 0.17
CA TRP A 342 -15.78 -29.24 0.58
C TRP A 342 -15.92 -30.66 0.14
N SER A 343 -17.16 -31.17 0.13
CA SER A 343 -17.40 -32.58 -0.21
C SER A 343 -17.31 -32.78 -1.73
N ASP A 344 -17.16 -31.74 -2.55
CA ASP A 344 -17.00 -32.00 -4.02
C ASP A 344 -15.78 -32.92 -4.23
N PRO A 345 -15.93 -34.02 -5.00
CA PRO A 345 -14.85 -34.97 -5.21
C PRO A 345 -13.58 -34.41 -5.83
N SER A 346 -13.67 -33.28 -6.55
CA SER A 346 -12.46 -32.61 -7.09
C SER A 346 -11.50 -32.28 -5.94
N PHE A 347 -11.97 -31.92 -4.74
CA PHE A 347 -11.07 -31.55 -3.59
C PHE A 347 -10.49 -32.79 -2.90
N GLN A 348 -11.21 -33.90 -2.86
CA GLN A 348 -10.83 -35.15 -2.19
C GLN A 348 -9.87 -35.97 -3.05
N GLN A 349 -9.74 -35.72 -4.35
CA GLN A 349 -8.88 -36.56 -5.25
C GLN A 349 -7.43 -36.10 -5.26
N ASN A 350 -7.06 -34.82 -5.00
CA ASN A 350 -5.62 -34.45 -4.89
C ASN A 350 -5.17 -34.91 -3.52
N PRO A 351 -4.27 -35.89 -3.45
CA PRO A 351 -3.74 -36.36 -2.17
C PRO A 351 -3.14 -35.21 -1.35
N LEU A 352 -2.52 -34.21 -2.00
CA LEU A 352 -1.92 -33.07 -1.26
C LEU A 352 -3.05 -32.24 -0.65
N LEU A 353 -4.08 -31.96 -1.45
CA LEU A 353 -5.18 -31.11 -0.92
C LEU A 353 -5.89 -31.84 0.24
N ARG A 354 -6.00 -33.15 0.14
CA ARG A 354 -6.65 -33.99 1.18
C ARG A 354 -5.90 -33.72 2.49
N THR A 355 -4.58 -33.54 2.44
CA THR A 355 -3.83 -33.27 3.68
C THR A 355 -4.22 -31.91 4.27
N PHE A 356 -4.38 -30.88 3.45
CA PHE A 356 -4.93 -29.59 3.94
C PHE A 356 -6.30 -29.77 4.59
N ILE A 357 -7.16 -30.51 3.92
CA ILE A 357 -8.55 -30.74 4.41
C ILE A 357 -8.48 -31.40 5.77
N GLN A 358 -7.68 -32.46 5.95
CA GLN A 358 -7.56 -33.12 7.26
C GLN A 358 -6.98 -32.16 8.31
N ALA A 359 -6.04 -31.32 7.90
CA ALA A 359 -5.37 -30.33 8.78
C ALA A 359 -6.39 -29.31 9.31
N ALA A 360 -7.49 -29.05 8.59
CA ALA A 360 -8.54 -28.14 9.05
C ALA A 360 -9.14 -28.55 10.40
N GLN A 361 -9.06 -29.82 10.77
CA GLN A 361 -9.53 -30.26 12.11
C GLN A 361 -8.76 -29.48 13.20
N PHE A 362 -7.56 -28.99 12.94
CA PHE A 362 -6.74 -28.27 13.95
C PHE A 362 -6.67 -26.78 13.62
N GLY A 363 -7.46 -26.35 12.64
CA GLY A 363 -7.48 -24.94 12.21
C GLY A 363 -7.87 -24.01 13.36
N ARG A 364 -7.22 -22.88 13.45
CA ARG A 364 -7.54 -21.88 14.47
C ARG A 364 -7.51 -20.49 13.85
N THR A 365 -8.43 -19.66 14.28
CA THR A 365 -8.63 -18.33 13.68
C THR A 365 -8.28 -17.28 14.74
N TYR A 366 -7.98 -16.09 14.28
CA TYR A 366 -7.94 -14.89 15.13
C TYR A 366 -9.36 -14.47 15.51
N PRO A 367 -9.60 -13.85 16.69
CA PRO A 367 -10.89 -13.25 17.00
C PRO A 367 -11.17 -12.07 16.05
N SER A 368 -12.44 -11.83 15.71
CA SER A 368 -12.89 -10.78 14.78
C SER A 368 -12.97 -9.40 15.48
N LEU A 369 -11.83 -8.81 15.86
CA LEU A 369 -11.78 -7.58 16.68
C LEU A 369 -11.74 -6.32 15.80
N ALA A 370 -12.42 -5.26 16.25
CA ALA A 370 -12.31 -3.88 15.72
C ALA A 370 -10.83 -3.48 15.62
N GLY A 371 -10.02 -3.82 16.61
CA GLY A 371 -8.63 -3.32 16.61
C GLY A 371 -7.65 -4.23 15.86
N TRP A 372 -8.10 -5.29 15.17
CA TRP A 372 -7.19 -6.37 14.74
C TRP A 372 -6.04 -5.81 13.88
N GLY A 373 -6.32 -4.90 12.97
CA GLY A 373 -5.33 -4.34 12.04
C GLY A 373 -4.15 -3.75 12.78
N GLY A 374 -4.45 -2.96 13.83
CA GLY A 374 -3.44 -2.33 14.68
C GLY A 374 -2.72 -3.36 15.56
N VAL A 375 -3.47 -4.31 16.11
CA VAL A 375 -2.86 -5.43 16.91
C VAL A 375 -1.80 -6.15 16.07
N GLU A 376 -2.16 -6.66 14.89
CA GLU A 376 -1.21 -7.45 14.06
C GLU A 376 -0.05 -6.57 13.59
N ASN A 377 -0.32 -5.33 13.22
CA ASN A 377 0.74 -4.38 12.77
CA ASN A 377 0.76 -4.39 12.76
C ASN A 377 1.75 -4.19 13.90
N LEU A 378 1.24 -3.99 15.12
CA LEU A 378 2.13 -3.75 16.27
C LEU A 378 2.93 -5.00 16.56
N ALA A 379 2.29 -6.16 16.52
CA ALA A 379 2.93 -7.45 16.81
C ALA A 379 4.07 -7.69 15.85
N VAL A 380 3.82 -7.44 14.56
CA VAL A 380 4.82 -7.84 13.54
C VAL A 380 6.01 -6.87 13.55
N GLN A 381 5.81 -5.60 13.96
CA GLN A 381 6.91 -4.64 14.05
C GLN A 381 7.91 -5.18 15.09
N HIS A 382 7.42 -5.57 16.27
CA HIS A 382 8.27 -6.11 17.34
C HIS A 382 8.86 -7.48 16.95
N LEU A 383 8.05 -8.32 16.29
CA LEU A 383 8.54 -9.67 15.86
C LEU A 383 9.66 -9.49 14.82
N GLY A 384 9.56 -8.45 13.97
CA GLY A 384 10.61 -8.04 12.99
C GLY A 384 11.93 -7.79 13.69
N MET A 385 11.89 -7.18 14.86
CA MET A 385 13.12 -6.86 15.61
C MET A 385 13.69 -8.13 16.26
N ALA A 386 12.83 -9.10 16.61
CA ALA A 386 13.31 -10.36 17.18
C ALA A 386 14.02 -11.11 16.05
N TRP A 387 13.49 -11.08 14.81
CA TRP A 387 14.19 -11.71 13.64
C TRP A 387 15.53 -11.02 13.39
N ASP A 388 15.58 -9.70 13.59
CA ASP A 388 16.89 -8.98 13.49
C ASP A 388 17.88 -9.55 14.49
N LEU A 389 17.49 -9.79 15.74
CA LEU A 389 18.41 -10.44 16.73
C LEU A 389 18.82 -11.84 16.26
N VAL A 390 17.86 -12.61 15.77
CA VAL A 390 18.13 -13.97 15.28
C VAL A 390 19.26 -13.86 14.24
N ALA A 391 19.18 -12.94 13.30
CA ALA A 391 20.16 -12.81 12.20
C ALA A 391 21.55 -12.52 12.78
N GLN A 392 21.64 -11.99 13.98
CA GLN A 392 22.94 -11.64 14.58
C GLN A 392 23.34 -12.70 15.59
N GLY A 393 22.56 -13.77 15.74
CA GLY A 393 22.79 -14.79 16.79
C GLY A 393 22.58 -14.28 18.20
N ARG A 394 21.79 -13.24 18.39
CA ARG A 394 21.63 -12.60 19.73
C ARG A 394 20.22 -12.75 20.27
N LEU A 395 19.36 -13.60 19.72
CA LEU A 395 18.02 -13.78 20.34
C LEU A 395 18.15 -14.71 21.55
N THR A 396 17.98 -14.14 22.75
CA THR A 396 17.91 -14.88 24.03
C THR A 396 16.45 -14.84 24.48
N ARG A 397 16.07 -15.76 25.35
CA ARG A 397 14.72 -15.77 25.96
C ARG A 397 14.41 -14.41 26.58
N GLU A 398 15.41 -13.80 27.23
CA GLU A 398 15.28 -12.49 27.92
C GLU A 398 15.02 -11.40 26.88
N ALA A 399 15.78 -11.32 25.81
CA ALA A 399 15.61 -10.28 24.77
C ALA A 399 14.22 -10.46 24.12
N LEU A 400 13.79 -11.70 23.85
CA LEU A 400 12.48 -11.96 23.22
C LEU A 400 11.39 -11.48 24.20
N LYS A 401 11.53 -11.78 25.51
CA LYS A 401 10.55 -11.33 26.53
C LYS A 401 10.48 -9.80 26.55
N ASP A 402 11.63 -9.12 26.45
CA ASP A 402 11.69 -7.62 26.44
C ASP A 402 10.89 -7.11 25.25
N LEU A 403 11.09 -7.70 24.10
CA LEU A 403 10.44 -7.29 22.83
C LEU A 403 8.94 -7.58 22.90
N MET A 404 8.54 -8.71 23.48
CA MET A 404 7.10 -9.03 23.59
C MET A 404 6.44 -8.24 24.72
N ASP A 405 7.17 -7.83 25.74
CA ASP A 405 6.57 -6.92 26.77
C ASP A 405 6.24 -5.57 26.13
N LYS A 406 7.12 -5.05 25.28
CA LYS A 406 6.91 -3.79 24.51
C LYS A 406 5.71 -3.98 23.60
N ALA A 407 5.73 -5.01 22.78
CA ALA A 407 4.61 -5.37 21.87
C ALA A 407 3.32 -5.39 22.70
N SER A 408 3.33 -5.97 23.90
CA SER A 408 2.09 -6.16 24.69
C SER A 408 1.60 -4.84 25.22
N ALA A 409 2.52 -3.97 25.63
CA ALA A 409 2.13 -2.62 26.09
C ALA A 409 1.45 -1.89 24.93
N ALA A 410 2.01 -1.97 23.72
CA ALA A 410 1.54 -1.21 22.53
C ALA A 410 0.14 -1.73 22.16
N ILE A 411 0.02 -3.04 22.11
CA ILE A 411 -1.23 -3.74 21.78
C ILE A 411 -2.30 -3.43 22.84
N ASN A 412 -1.99 -3.49 24.13
CA ASN A 412 -3.02 -3.21 25.18
C ASN A 412 -3.46 -1.74 25.10
N GLN A 413 -2.55 -0.85 24.77
CA GLN A 413 -2.84 0.59 24.60
C GLN A 413 -3.75 0.77 23.37
N ALA A 414 -3.54 0.08 22.26
CA ALA A 414 -4.42 0.18 21.08
C ALA A 414 -5.82 -0.39 21.41
N LEU A 415 -5.88 -1.52 22.13
CA LEU A 415 -7.15 -2.23 22.42
C LEU A 415 -7.99 -1.38 23.39
N ARG A 416 -7.37 -0.62 24.30
CA ARG A 416 -8.14 0.26 25.20
C ARG A 416 -8.85 1.38 24.41
N HIS A 417 -8.47 1.66 23.16
CA HIS A 417 -9.07 2.68 22.25
C HIS A 417 -10.32 2.15 21.53
N HIS A 418 -10.76 0.92 21.87
CA HIS A 418 -12.11 0.39 21.53
C HIS A 418 -12.74 -0.11 22.83
N LYS B 3 -30.55 21.26 -15.98
CA LYS B 3 -29.11 21.49 -16.44
C LYS B 3 -28.12 20.73 -15.53
N THR B 4 -27.12 20.07 -16.12
CA THR B 4 -26.08 19.26 -15.41
C THR B 4 -24.69 19.64 -15.92
N LEU B 5 -23.72 19.77 -15.03
CA LEU B 5 -22.29 19.79 -15.40
C LEU B 5 -21.65 18.52 -14.83
N GLU B 6 -20.72 17.93 -15.55
CA GLU B 6 -19.92 16.84 -14.95
C GLU B 6 -18.52 17.33 -14.69
N VAL B 7 -18.03 17.03 -13.50
CA VAL B 7 -16.66 17.38 -13.07
C VAL B 7 -15.96 16.08 -12.62
N TRP B 8 -14.72 15.93 -13.06
CA TRP B 8 -13.80 14.89 -12.54
C TRP B 8 -12.79 15.53 -11.59
N ILE B 9 -12.63 14.97 -10.40
CA ILE B 9 -11.62 15.52 -9.47
C ILE B 9 -10.81 14.34 -8.96
N MET B 10 -9.63 14.63 -8.41
CA MET B 10 -8.82 13.61 -7.69
C MET B 10 -9.09 13.75 -6.17
N PRO B 11 -8.58 12.83 -5.32
CA PRO B 11 -8.91 12.85 -3.88
C PRO B 11 -8.10 13.94 -3.14
N ASN B 12 -8.64 15.15 -3.11
CA ASN B 12 -7.93 16.35 -2.62
C ASN B 12 -8.20 16.55 -1.11
N SER B 13 -9.25 15.93 -0.55
CA SER B 13 -9.67 16.17 0.85
C SER B 13 -10.13 14.84 1.42
N PRO B 14 -10.34 14.68 2.75
CA PRO B 14 -10.68 13.37 3.31
C PRO B 14 -11.94 12.70 2.75
N GLN B 15 -13.00 13.44 2.51
CA GLN B 15 -14.26 12.96 1.88
C GLN B 15 -14.45 13.73 0.57
N PRO B 16 -13.76 13.34 -0.50
CA PRO B 16 -13.56 14.24 -1.62
C PRO B 16 -14.84 14.73 -2.32
N ALA B 17 -15.77 13.82 -2.60
CA ALA B 17 -17.04 14.14 -3.27
C ALA B 17 -17.88 15.07 -2.39
N GLU B 18 -18.06 14.70 -1.12
CA GLU B 18 -18.86 15.47 -0.14
C GLU B 18 -18.34 16.91 -0.06
N ASP B 19 -17.04 17.05 0.11
CA ASP B 19 -16.40 18.39 0.22
C ASP B 19 -16.65 19.20 -1.06
N PHE B 20 -16.41 18.59 -2.21
CA PHE B 20 -16.57 19.34 -3.49
C PHE B 20 -18.05 19.69 -3.67
N LYS B 21 -18.97 18.76 -3.35
CA LYS B 21 -20.40 19.08 -3.48
C LYS B 21 -20.74 20.25 -2.53
N ALA B 22 -20.20 20.26 -1.31
CA ALA B 22 -20.46 21.34 -0.35
C ALA B 22 -19.90 22.67 -0.92
N LEU B 23 -18.76 22.63 -1.57
CA LEU B 23 -18.04 23.82 -2.11
C LEU B 23 -18.93 24.47 -3.19
N VAL B 24 -19.58 23.65 -4.02
CA VAL B 24 -20.32 24.15 -5.22
C VAL B 24 -21.80 24.32 -4.92
N ALA B 25 -22.34 23.96 -3.74
CA ALA B 25 -23.77 24.10 -3.44
C ALA B 25 -24.25 25.55 -3.67
N PRO B 26 -23.55 26.64 -3.28
CA PRO B 26 -24.05 27.98 -3.59
C PRO B 26 -24.10 28.24 -5.11
N PHE B 27 -23.13 27.73 -5.86
CA PHE B 27 -23.15 27.84 -7.35
C PHE B 27 -24.38 27.10 -7.92
N GLU B 28 -24.62 25.89 -7.45
CA GLU B 28 -25.80 25.10 -7.87
C GLU B 28 -27.12 25.90 -7.69
N LYS B 29 -27.31 26.51 -6.53
CA LYS B 29 -28.52 27.32 -6.20
C LYS B 29 -28.58 28.52 -7.15
N ALA B 30 -27.49 29.26 -7.29
CA ALA B 30 -27.48 30.55 -8.04
C ALA B 30 -27.77 30.27 -9.52
N HIS B 31 -27.29 29.14 -10.09
CA HIS B 31 -27.36 28.83 -11.55
C HIS B 31 -28.47 27.82 -11.83
N GLY B 32 -29.22 27.34 -10.84
CA GLY B 32 -30.24 26.27 -11.06
C GLY B 32 -29.66 25.04 -11.78
N VAL B 33 -28.50 24.55 -11.35
CA VAL B 33 -27.77 23.44 -12.03
C VAL B 33 -27.34 22.41 -10.98
N GLU B 34 -27.24 21.17 -11.41
CA GLU B 34 -26.65 20.09 -10.61
C GLU B 34 -25.22 19.89 -11.11
N VAL B 35 -24.24 19.95 -10.22
CA VAL B 35 -22.85 19.56 -10.57
C VAL B 35 -22.67 18.12 -10.10
N LYS B 36 -22.48 17.19 -11.05
CA LYS B 36 -22.21 15.78 -10.70
C LYS B 36 -20.71 15.59 -10.66
N VAL B 37 -20.18 15.03 -9.57
CA VAL B 37 -18.71 14.90 -9.44
C VAL B 37 -18.40 13.41 -9.45
N THR B 38 -17.31 13.04 -10.09
CA THR B 38 -16.71 11.67 -10.00
C THR B 38 -15.31 11.90 -9.45
N VAL B 39 -14.94 11.16 -8.40
CA VAL B 39 -13.56 11.18 -7.88
C VAL B 39 -12.72 10.07 -8.54
N LEU B 40 -11.59 10.43 -9.16
CA LEU B 40 -10.65 9.47 -9.78
C LEU B 40 -9.41 9.40 -8.88
N ASP B 41 -9.02 8.20 -8.47
CA ASP B 41 -7.74 8.06 -7.72
C ASP B 41 -6.61 8.61 -8.61
N TRP B 42 -5.57 9.15 -8.00
CA TRP B 42 -4.38 9.63 -8.73
C TRP B 42 -3.73 8.47 -9.47
N GLY B 43 -3.87 7.26 -8.96
CA GLY B 43 -3.42 6.06 -9.69
C GLY B 43 -4.01 5.92 -11.08
N VAL B 44 -5.21 6.41 -11.34
CA VAL B 44 -5.92 6.10 -12.61
C VAL B 44 -6.22 7.38 -13.36
N ALA B 45 -5.95 8.56 -12.76
CA ALA B 45 -6.29 9.88 -13.34
C ALA B 45 -5.70 10.04 -14.76
N TRP B 46 -4.43 9.76 -14.94
CA TRP B 46 -3.79 9.93 -16.28
C TRP B 46 -4.55 9.09 -17.33
N THR B 47 -4.76 7.82 -17.05
CA THR B 47 -5.49 6.93 -17.99
C THR B 47 -6.87 7.50 -18.30
N LYS B 48 -7.64 7.86 -17.28
CA LYS B 48 -9.03 8.34 -17.45
C LYS B 48 -9.04 9.61 -18.24
N ILE B 49 -8.13 10.52 -17.93
CA ILE B 49 -8.12 11.84 -18.59
C ILE B 49 -7.68 11.69 -20.06
N THR B 50 -6.63 10.93 -20.32
CA THR B 50 -6.06 10.76 -21.69
C THR B 50 -7.04 9.93 -22.53
N THR B 51 -7.78 9.00 -21.94
CA THR B 51 -8.86 8.29 -22.67
C THR B 51 -10.06 9.22 -22.96
N ALA B 52 -10.44 10.11 -22.08
CA ALA B 52 -11.43 11.16 -22.41
C ALA B 52 -10.91 11.98 -23.58
N ALA B 53 -9.65 12.36 -23.53
CA ALA B 53 -9.04 13.20 -24.59
C ALA B 53 -9.03 12.49 -25.95
N THR B 54 -8.68 11.20 -26.03
CA THR B 54 -8.61 10.40 -27.30
C THR B 54 -10.02 10.11 -27.81
N SER B 55 -10.90 9.70 -26.87
CA SER B 55 -12.26 9.14 -27.15
C SER B 55 -13.29 10.25 -27.44
N GLY B 56 -13.05 11.49 -27.00
CA GLY B 56 -13.98 12.62 -27.18
C GLY B 56 -15.21 12.50 -26.30
N VAL B 57 -15.13 11.67 -25.27
CA VAL B 57 -16.22 11.39 -24.32
C VAL B 57 -15.64 11.61 -22.93
N GLY B 58 -16.34 12.36 -22.10
CA GLY B 58 -15.86 12.59 -20.72
C GLY B 58 -16.69 13.65 -20.05
N PRO B 59 -16.13 14.33 -19.04
CA PRO B 59 -16.90 15.32 -18.29
C PRO B 59 -16.87 16.67 -19.01
N ASP B 60 -17.49 17.70 -18.43
CA ASP B 60 -17.27 19.08 -18.90
C ASP B 60 -15.92 19.58 -18.39
N LEU B 61 -15.67 19.45 -17.08
CA LEU B 61 -14.42 19.93 -16.46
C LEU B 61 -13.68 18.75 -15.85
N THR B 62 -12.36 18.79 -15.90
CA THR B 62 -11.53 17.82 -15.16
C THR B 62 -10.51 18.62 -14.38
N GLN B 63 -10.27 18.19 -13.16
CA GLN B 63 -9.00 18.51 -12.46
C GLN B 63 -7.84 18.01 -13.29
N LEU B 64 -6.81 18.83 -13.40
CA LEU B 64 -5.60 18.50 -14.16
C LEU B 64 -4.42 18.84 -13.27
N GLY B 65 -3.62 17.87 -12.93
CA GLY B 65 -2.35 18.20 -12.23
C GLY B 65 -1.54 19.19 -13.06
N THR B 66 -0.92 20.17 -12.41
CA THR B 66 -0.16 21.20 -13.12
C THR B 66 0.78 20.57 -14.14
N THR B 67 1.48 19.49 -13.79
CA THR B 67 2.54 18.93 -14.62
C THR B 67 1.97 18.26 -15.87
N TRP B 68 0.65 18.08 -15.94
CA TRP B 68 -0.03 17.41 -17.09
C TRP B 68 -0.72 18.43 -18.00
N VAL B 69 -0.76 19.70 -17.65
CA VAL B 69 -1.49 20.70 -18.49
C VAL B 69 -0.88 20.73 -19.88
N GLY B 70 0.44 20.73 -19.97
CA GLY B 70 1.09 20.75 -21.29
C GLY B 70 0.63 19.62 -22.17
N ALA B 71 0.71 18.41 -21.63
CA ALA B 71 0.44 17.13 -22.31
C ALA B 71 -0.98 17.13 -22.85
N ILE B 72 -1.92 17.49 -22.01
CA ILE B 72 -3.35 17.40 -22.42
C ILE B 72 -3.64 18.57 -23.35
N SER B 73 -3.10 19.75 -23.09
CA SER B 73 -3.33 20.91 -23.98
C SER B 73 -2.83 20.56 -25.40
N ALA B 74 -1.66 19.94 -25.50
CA ALA B 74 -1.00 19.68 -26.81
C ALA B 74 -1.87 18.72 -27.62
N MET B 75 -2.83 18.00 -27.02
CA MET B 75 -3.69 17.09 -27.79
C MET B 75 -4.82 17.87 -28.46
N GLY B 76 -4.92 19.18 -28.18
CA GLY B 76 -5.86 20.11 -28.82
C GLY B 76 -7.28 19.88 -28.36
N VAL B 77 -7.52 19.35 -27.15
CA VAL B 77 -8.87 18.92 -26.71
C VAL B 77 -9.45 19.90 -25.67
N LEU B 78 -8.71 20.93 -25.28
CA LEU B 78 -9.12 21.85 -24.19
C LEU B 78 -9.57 23.20 -24.76
N GLU B 79 -10.64 23.71 -24.18
CA GLU B 79 -11.23 25.01 -24.54
C GLU B 79 -10.31 26.09 -23.99
N PRO B 80 -10.01 27.15 -24.78
CA PRO B 80 -9.30 28.33 -24.29
C PRO B 80 -10.08 28.92 -23.12
N VAL B 81 -9.37 29.32 -22.06
CA VAL B 81 -9.98 29.95 -20.87
C VAL B 81 -9.33 31.28 -20.54
N ASP B 82 -8.73 31.96 -21.52
CA ASP B 82 -8.14 33.32 -21.30
C ASP B 82 -9.19 34.29 -20.74
N ASP B 83 -10.44 34.20 -21.20
CA ASP B 83 -11.58 35.00 -20.72
C ASP B 83 -11.80 34.78 -19.20
N VAL B 84 -11.81 33.53 -18.73
CA VAL B 84 -11.99 33.24 -17.27
C VAL B 84 -10.79 33.85 -16.51
N LEU B 85 -9.57 33.65 -17.00
CA LEU B 85 -8.35 34.11 -16.26
C LEU B 85 -8.31 35.64 -16.21
N GLU B 86 -8.76 36.31 -17.27
CA GLU B 86 -8.91 37.79 -17.27
C GLU B 86 -9.95 38.20 -16.25
N ALA B 87 -11.10 37.54 -16.19
CA ALA B 87 -12.11 37.84 -15.17
C ALA B 87 -11.57 37.55 -13.76
N LEU B 88 -10.59 36.66 -13.54
CA LEU B 88 -10.06 36.43 -12.16
C LEU B 88 -8.94 37.40 -11.74
N GLY B 89 -8.53 38.28 -12.65
CA GLY B 89 -7.54 39.35 -12.39
C GLY B 89 -6.30 39.17 -13.26
N GLY B 90 -6.28 38.19 -14.19
CA GLY B 90 -5.14 38.03 -15.12
C GLY B 90 -3.84 37.61 -14.43
N GLU B 91 -2.72 37.76 -15.14
CA GLU B 91 -1.39 37.24 -14.69
C GLU B 91 -1.01 37.81 -13.33
N LYS B 92 -1.36 39.05 -13.06
CA LYS B 92 -1.11 39.78 -11.81
C LYS B 92 -1.61 39.01 -10.58
N ALA B 93 -2.74 38.32 -10.71
CA ALA B 93 -3.44 37.63 -9.59
C ALA B 93 -2.75 36.31 -9.22
N TYR B 94 -1.68 35.88 -9.89
CA TYR B 94 -1.06 34.55 -9.58
C TYR B 94 0.44 34.66 -9.35
N LEU B 95 1.00 33.83 -8.48
CA LEU B 95 2.47 33.56 -8.50
C LEU B 95 2.91 33.14 -9.90
N PRO B 96 4.10 33.59 -10.35
CA PRO B 96 4.64 33.15 -11.63
C PRO B 96 4.65 31.61 -11.78
N ALA B 97 4.98 30.90 -10.71
CA ALA B 97 5.05 29.41 -10.66
C ALA B 97 3.64 28.86 -11.00
N VAL B 98 2.58 29.52 -10.57
CA VAL B 98 1.19 29.10 -10.89
C VAL B 98 0.86 29.47 -12.33
N TRP B 99 1.17 30.72 -12.72
CA TRP B 99 0.78 31.19 -14.05
C TRP B 99 1.41 30.36 -15.14
N ARG B 100 2.63 29.82 -14.98
CA ARG B 100 3.21 29.12 -16.15
C ARG B 100 2.53 27.76 -16.37
N THR B 101 1.64 27.31 -15.48
CA THR B 101 0.86 26.04 -15.65
C THR B 101 -0.52 26.30 -16.25
N THR B 102 -0.84 27.53 -16.66
CA THR B 102 -2.14 27.82 -17.34
C THR B 102 -2.12 27.44 -18.81
N ARG B 103 -0.98 27.04 -19.37
CA ARG B 103 -0.84 26.79 -20.83
C ARG B 103 0.35 25.88 -21.10
N LEU B 104 0.33 25.26 -22.27
CA LEU B 104 1.51 24.58 -22.90
C LEU B 104 2.58 25.65 -23.08
N GLU B 105 3.81 25.39 -22.67
CA GLU B 105 4.94 26.35 -22.80
C GLU B 105 4.99 26.83 -24.25
N GLY B 106 4.92 28.15 -24.45
CA GLY B 106 5.04 28.80 -25.77
C GLY B 106 3.74 28.82 -26.54
N ALA B 107 2.60 28.40 -25.99
CA ALA B 107 1.27 28.48 -26.64
C ALA B 107 0.64 29.86 -26.41
N ARG B 108 -0.25 30.28 -27.32
CA ARG B 108 -0.94 31.60 -27.29
C ARG B 108 -1.96 31.63 -26.15
N GLN B 109 -2.87 30.68 -26.17
CA GLN B 109 -4.07 30.71 -25.30
C GLN B 109 -3.86 29.81 -24.08
N ALA B 110 -4.36 30.29 -22.95
CA ALA B 110 -4.47 29.53 -21.68
C ALA B 110 -5.48 28.42 -21.89
N THR B 111 -5.18 27.21 -21.38
CA THR B 111 -6.08 26.04 -21.46
C THR B 111 -6.40 25.46 -20.08
N ALA B 112 -5.95 26.10 -19.00
CA ALA B 112 -6.27 25.63 -17.66
C ALA B 112 -6.37 26.80 -16.68
N VAL B 113 -7.30 26.69 -15.74
CA VAL B 113 -7.55 27.69 -14.67
C VAL B 113 -6.96 27.17 -13.36
N PRO B 114 -6.07 27.94 -12.70
CA PRO B 114 -5.49 27.48 -11.42
C PRO B 114 -6.56 27.22 -10.37
N TRP B 115 -6.45 26.08 -9.68
CA TRP B 115 -7.42 25.70 -8.62
C TRP B 115 -6.74 25.71 -7.24
N PHE B 116 -5.66 24.94 -7.04
CA PHE B 116 -4.91 25.00 -5.77
C PHE B 116 -3.44 24.76 -6.06
N SER B 117 -2.61 25.17 -5.11
CA SER B 117 -1.15 24.97 -5.17
CA SER B 117 -1.14 24.93 -5.19
C SER B 117 -0.70 24.05 -4.02
N GLU B 118 0.41 23.38 -4.22
CA GLU B 118 1.05 22.64 -3.14
C GLU B 118 2.52 22.64 -3.41
N LEU B 119 3.31 22.48 -2.35
CA LEU B 119 4.75 22.28 -2.54
C LEU B 119 5.22 21.40 -1.38
N ARG B 120 6.42 20.90 -1.46
CA ARG B 120 6.92 19.79 -0.62
C ARG B 120 7.88 20.35 0.40
N ALA B 121 7.80 19.80 1.60
CA ALA B 121 8.73 20.12 2.71
C ALA B 121 8.81 18.87 3.56
N PHE B 122 9.64 18.90 4.60
CA PHE B 122 9.87 17.76 5.47
C PHE B 122 9.05 17.94 6.72
N TYR B 123 8.10 17.04 6.89
CA TYR B 123 7.47 16.81 8.21
C TYR B 123 8.50 16.11 9.09
N TYR B 124 8.45 16.41 10.37
CA TYR B 124 9.33 15.78 11.36
C TYR B 124 8.60 15.64 12.67
N ARG B 125 9.04 14.66 13.43
CA ARG B 125 8.57 14.39 14.78
C ARG B 125 9.36 15.29 15.72
N THR B 126 8.70 16.24 16.39
CA THR B 126 9.44 17.25 17.20
C THR B 126 9.98 16.51 18.44
N ASP B 127 9.24 15.51 18.94
CA ASP B 127 9.64 14.70 20.09
C ASP B 127 10.87 13.88 19.71
N ALA B 128 10.86 13.22 18.56
CA ALA B 128 11.99 12.34 18.14
C ALA B 128 13.27 13.16 17.92
N LEU B 129 13.16 14.34 17.27
CA LEU B 129 14.36 15.16 17.02
C LEU B 129 14.93 15.67 18.36
N LYS B 130 14.07 16.11 19.27
CA LYS B 130 14.57 16.54 20.62
C LYS B 130 15.29 15.39 21.29
N ALA B 131 14.70 14.21 21.30
CA ALA B 131 15.26 13.04 22.02
C ALA B 131 16.61 12.66 21.37
N ALA B 132 16.79 12.88 20.07
CA ALA B 132 18.05 12.49 19.40
C ALA B 132 19.10 13.58 19.57
N GLY B 133 18.76 14.73 20.10
CA GLY B 133 19.71 15.86 20.18
C GLY B 133 19.85 16.57 18.85
N VAL B 134 18.80 16.59 18.01
CA VAL B 134 18.89 17.19 16.66
C VAL B 134 18.17 18.54 16.64
N ASN B 135 18.88 19.60 16.27
CA ASN B 135 18.29 20.94 16.12
C ASN B 135 17.75 20.99 14.69
N PRO B 136 16.42 21.06 14.48
CA PRO B 136 15.89 21.08 13.11
C PRO B 136 16.47 22.20 12.26
N ALA B 137 16.79 23.36 12.85
CA ALA B 137 17.40 24.50 12.10
C ALA B 137 18.71 24.02 11.47
N GLU B 138 19.49 23.14 12.10
CA GLU B 138 20.73 22.61 11.54
C GLU B 138 20.42 21.49 10.58
N MET B 139 19.56 20.54 11.01
CA MET B 139 19.30 19.37 10.18
C MET B 139 18.75 19.78 8.79
N PHE B 140 17.88 20.80 8.71
CA PHE B 140 17.25 21.14 7.42
C PHE B 140 17.92 22.32 6.69
N ALA B 141 19.13 22.74 7.07
CA ALA B 141 19.76 23.90 6.42
C ALA B 141 20.55 23.41 5.22
N SER B 142 21.12 22.21 5.27
CA SER B 142 22.12 21.77 4.30
C SER B 142 22.08 20.25 4.18
N TRP B 143 22.60 19.75 3.08
CA TRP B 143 22.70 18.29 2.86
C TRP B 143 23.50 17.63 3.97
N GLN B 144 24.67 18.20 4.32
CA GLN B 144 25.51 17.63 5.40
C GLN B 144 24.72 17.66 6.71
N GLY B 145 23.98 18.72 7.02
CA GLY B 145 23.15 18.81 8.25
C GLY B 145 22.07 17.72 8.21
N PHE B 146 21.56 17.42 7.03
CA PHE B 146 20.45 16.49 6.85
C PHE B 146 20.93 15.08 7.19
N GLU B 147 22.06 14.72 6.61
CA GLU B 147 22.70 13.40 6.85
C GLU B 147 23.16 13.29 8.30
N ALA B 148 23.69 14.35 8.89
CA ALA B 148 24.21 14.33 10.28
C ALA B 148 23.00 14.15 11.22
N GLY B 149 21.89 14.80 10.90
CA GLY B 149 20.66 14.64 11.69
C GLY B 149 20.15 13.21 11.58
N LEU B 150 20.15 12.65 10.38
CA LEU B 150 19.67 11.27 10.21
C LEU B 150 20.58 10.29 10.98
N ALA B 151 21.89 10.53 11.03
CA ALA B 151 22.82 9.67 11.81
C ALA B 151 22.48 9.75 13.30
N ARG B 152 22.15 10.94 13.82
CA ARG B 152 21.74 11.06 15.25
C ARG B 152 20.41 10.32 15.48
N LEU B 153 19.46 10.44 14.56
CA LEU B 153 18.15 9.78 14.71
C LEU B 153 18.32 8.26 14.70
N LYS B 154 19.24 7.75 13.91
CA LYS B 154 19.53 6.30 13.82
C LYS B 154 20.12 5.83 15.15
N ALA B 155 20.96 6.63 15.78
CA ALA B 155 21.65 6.20 17.02
C ALA B 155 20.69 6.31 18.19
N SER B 156 19.59 7.06 18.06
CA SER B 156 18.76 7.48 19.22
C SER B 156 18.11 6.25 19.81
N SER B 157 17.95 6.28 21.14
CA SER B 157 17.24 5.21 21.86
C SER B 157 15.77 5.62 22.00
N PHE B 158 15.30 6.73 21.42
CA PHE B 158 13.88 7.12 21.52
C PHE B 158 12.97 5.98 21.00
N ARG B 159 11.86 5.74 21.66
CA ARG B 159 10.81 4.81 21.16
C ARG B 159 9.47 5.55 21.16
N ASP B 160 8.70 5.37 20.10
CA ASP B 160 7.37 6.00 19.97
C ASP B 160 6.51 5.58 21.16
N PRO B 161 5.77 6.50 21.81
CA PRO B 161 4.98 6.09 22.97
C PRO B 161 3.76 5.26 22.60
N GLU B 162 3.33 5.20 21.34
CA GLU B 162 2.24 4.27 20.94
C GLU B 162 2.83 2.94 20.47
N THR B 163 3.78 2.95 19.55
CA THR B 163 4.32 1.66 19.03
C THR B 163 5.26 1.01 20.05
N LYS B 164 5.84 1.78 20.97
CA LYS B 164 6.92 1.30 21.88
C LYS B 164 8.13 0.76 21.10
N ALA B 165 8.31 1.17 19.86
CA ALA B 165 9.40 0.74 18.99
C ALA B 165 10.19 1.96 18.52
N PRO B 166 11.42 1.77 18.03
CA PRO B 166 12.20 2.85 17.43
C PRO B 166 11.51 3.38 16.16
N LEU B 167 11.78 4.63 15.80
CA LEU B 167 11.34 5.25 14.55
C LEU B 167 12.50 5.13 13.55
N ALA B 168 12.16 4.85 12.30
CA ALA B 168 13.05 5.02 11.14
C ALA B 168 13.43 6.51 11.02
N PRO B 169 14.71 6.84 10.76
CA PRO B 169 15.10 8.24 10.63
C PRO B 169 14.38 8.97 9.48
N LEU B 170 14.31 8.35 8.32
CA LEU B 170 13.67 8.85 7.10
C LEU B 170 12.76 7.76 6.52
N CYS B 171 11.55 8.13 6.20
CA CYS B 171 10.70 7.30 5.34
C CYS B 171 10.59 7.93 3.98
N THR B 172 10.90 7.13 2.99
CA THR B 172 10.70 7.51 1.57
C THR B 172 10.37 6.23 0.80
N PRO B 173 9.47 6.29 -0.19
CA PRO B 173 9.01 5.11 -0.90
C PRO B 173 10.11 4.63 -1.87
N GLY B 174 10.24 3.33 -1.96
CA GLY B 174 11.15 2.68 -2.91
C GLY B 174 10.43 1.83 -3.92
N ARG B 175 9.11 1.61 -3.81
CA ARG B 175 8.37 1.02 -4.94
C ARG B 175 8.52 1.96 -6.13
N THR B 176 8.27 1.47 -7.35
CA THR B 176 8.40 2.30 -8.56
C THR B 176 7.55 3.55 -8.33
N PRO B 177 8.18 4.72 -8.20
CA PRO B 177 7.40 5.94 -8.00
C PRO B 177 6.50 6.18 -9.22
N ARG B 178 5.42 6.93 -9.03
CA ARG B 178 4.61 7.48 -10.14
C ARG B 178 5.20 8.82 -10.61
N THR B 179 5.96 9.51 -9.76
CA THR B 179 6.51 10.85 -10.09
C THR B 179 7.95 11.00 -9.61
N LEU B 180 8.65 12.00 -10.13
CA LEU B 180 9.94 12.48 -9.58
C LEU B 180 9.74 13.50 -8.45
N HIS B 181 8.57 13.65 -7.83
CA HIS B 181 8.36 14.74 -6.82
C HIS B 181 9.37 14.61 -5.66
N ASN B 182 9.67 13.41 -5.22
CA ASN B 182 10.59 13.17 -4.08
C ASN B 182 12.04 13.35 -4.54
N ALA B 183 12.39 12.96 -5.77
CA ALA B 183 13.77 13.01 -6.27
C ALA B 183 14.13 14.42 -6.77
N ALA B 184 13.17 15.19 -7.31
CA ALA B 184 13.45 16.45 -8.05
C ALA B 184 14.29 17.44 -7.22
N PRO B 185 13.96 17.70 -5.94
CA PRO B 185 14.69 18.69 -5.17
C PRO B 185 16.17 18.32 -4.99
N TRP B 186 16.52 17.04 -4.99
CA TRP B 186 17.92 16.58 -4.88
C TRP B 186 18.62 16.79 -6.23
N ILE B 187 17.95 16.48 -7.34
CA ILE B 187 18.47 16.80 -8.71
C ILE B 187 18.71 18.30 -8.78
N TRP B 188 17.74 19.10 -8.35
CA TRP B 188 17.80 20.57 -8.49
C TRP B 188 18.89 21.17 -7.59
N GLY B 189 18.92 20.76 -6.33
CA GLY B 189 19.83 21.27 -5.32
C GLY B 189 21.30 21.03 -5.71
N ALA B 190 21.59 19.96 -6.45
CA ALA B 190 22.93 19.62 -6.92
C ALA B 190 23.27 20.44 -8.18
N GLY B 191 22.34 21.27 -8.67
CA GLY B 191 22.55 22.08 -9.88
C GLY B 191 22.12 21.32 -11.14
N GLY B 192 21.39 20.20 -11.00
CA GLY B 192 20.85 19.42 -12.13
C GLY B 192 19.46 19.86 -12.62
N GLU B 193 18.93 19.11 -13.57
CA GLU B 193 17.60 19.32 -14.19
C GLU B 193 17.12 17.97 -14.69
N ILE B 194 15.82 17.83 -14.92
CA ILE B 194 15.24 16.61 -15.52
C ILE B 194 15.41 16.70 -17.03
N VAL B 195 15.08 17.85 -17.60
CA VAL B 195 15.24 18.16 -19.05
C VAL B 195 15.87 19.55 -19.17
N ARG B 196 16.52 19.80 -20.31
CA ARG B 196 17.24 21.03 -20.69
C ARG B 196 16.82 21.34 -22.13
N GLN B 197 16.50 22.61 -22.41
CA GLN B 197 16.29 23.13 -23.79
C GLN B 197 17.65 23.60 -24.35
N ALA B 198 18.06 23.09 -25.50
CA ALA B 198 19.27 23.55 -26.23
C ALA B 198 18.89 23.72 -27.72
N GLY B 199 18.98 24.95 -28.21
CA GLY B 199 18.55 25.33 -29.57
C GLY B 199 17.06 25.08 -29.81
N GLY B 200 16.19 25.29 -28.81
CA GLY B 200 14.74 25.07 -28.91
C GLY B 200 14.32 23.60 -29.04
N ARG B 201 15.18 22.65 -28.63
CA ARG B 201 14.90 21.18 -28.50
C ARG B 201 15.01 20.77 -27.03
N TRP B 202 14.05 20.01 -26.47
CA TRP B 202 14.20 19.47 -25.09
C TRP B 202 15.02 18.17 -25.15
N GLN B 203 15.94 17.98 -24.21
CA GLN B 203 16.68 16.71 -23.98
C GLN B 203 16.70 16.40 -22.48
N SER B 204 16.77 15.13 -22.11
CA SER B 204 17.06 14.66 -20.73
C SER B 204 18.37 15.30 -20.26
N ALA B 205 18.41 15.72 -18.99
CA ALA B 205 19.66 16.08 -18.24
C ALA B 205 19.80 15.18 -17.01
N LEU B 206 19.04 14.09 -16.95
CA LEU B 206 19.06 13.19 -15.76
C LEU B 206 20.43 12.53 -15.60
N ASN B 207 21.21 12.46 -16.68
CA ASN B 207 22.56 11.83 -16.67
C ASN B 207 23.70 12.86 -16.69
N SER B 208 23.40 14.13 -16.45
CA SER B 208 24.42 15.17 -16.18
C SER B 208 25.19 14.85 -14.88
N PRO B 209 26.45 15.36 -14.71
CA PRO B 209 27.16 15.15 -13.47
C PRO B 209 26.33 15.63 -12.26
N GLU B 210 25.66 16.77 -12.41
CA GLU B 210 24.93 17.45 -11.31
C GLU B 210 23.69 16.60 -10.95
N SER B 211 22.90 16.16 -11.92
CA SER B 211 21.69 15.35 -11.62
C SER B 211 22.12 14.05 -10.94
N LEU B 212 23.20 13.43 -11.44
CA LEU B 212 23.70 12.15 -10.87
C LEU B 212 24.16 12.37 -9.41
N GLU B 213 24.83 13.49 -9.13
CA GLU B 213 25.31 13.78 -7.76
C GLU B 213 24.10 13.87 -6.81
N GLY B 214 23.06 14.63 -7.18
CA GLY B 214 21.86 14.77 -6.36
C GLY B 214 21.17 13.45 -6.14
N LEU B 215 20.94 12.69 -7.23
CA LEU B 215 20.20 11.41 -7.12
C LEU B 215 20.99 10.43 -6.26
N TYR B 216 22.31 10.34 -6.48
CA TYR B 216 23.12 9.43 -5.64
C TYR B 216 23.05 9.91 -4.18
N PHE B 217 23.14 11.21 -3.88
CA PHE B 217 23.10 11.65 -2.46
C PHE B 217 21.83 11.14 -1.78
N PHE B 218 20.70 11.29 -2.47
CA PHE B 218 19.36 10.91 -1.97
C PHE B 218 19.27 9.39 -1.83
N LEU B 219 19.54 8.63 -2.89
CA LEU B 219 19.36 7.16 -2.89
C LEU B 219 20.33 6.54 -1.88
N SER B 220 21.52 7.09 -1.73
CA SER B 220 22.57 6.50 -0.84
C SER B 220 22.18 6.67 0.65
N LEU B 221 21.31 7.62 0.99
CA LEU B 221 20.79 7.73 2.37
C LEU B 221 20.16 6.40 2.78
N ALA B 222 19.43 5.76 1.89
CA ALA B 222 18.72 4.50 2.20
C ALA B 222 19.74 3.37 2.38
N GLN B 223 20.76 3.38 1.53
CA GLN B 223 21.83 2.35 1.54
C GLN B 223 22.71 2.54 2.79
N LYS B 224 22.81 3.75 3.35
CA LYS B 224 23.52 3.97 4.62
C LYS B 224 22.70 3.54 5.82
N GLY B 225 21.49 3.01 5.67
CA GLY B 225 20.73 2.56 6.87
C GLY B 225 19.72 3.59 7.43
N TYR B 226 19.46 4.72 6.76
CA TYR B 226 18.59 5.77 7.33
C TYR B 226 17.14 5.52 6.90
N VAL B 227 16.94 4.63 5.92
CA VAL B 227 15.61 4.23 5.41
C VAL B 227 15.54 2.72 5.64
N PRO B 228 14.51 2.21 6.33
CA PRO B 228 14.38 0.77 6.50
C PRO B 228 14.07 0.05 5.18
N ALA B 229 14.54 -1.20 5.02
CA ALA B 229 14.22 -2.10 3.88
C ALA B 229 12.72 -2.10 3.60
N GLU B 230 11.88 -2.15 4.64
CA GLU B 230 10.39 -2.20 4.55
C GLU B 230 9.90 -1.03 3.68
N SER B 231 10.56 0.13 3.71
CA SER B 231 10.13 1.36 3.00
C SER B 231 10.24 1.18 1.49
N LEU B 232 11.20 0.38 1.07
CA LEU B 232 11.55 0.23 -0.36
C LEU B 232 10.47 -0.60 -1.10
N GLU B 233 9.59 -1.32 -0.41
CA GLU B 233 8.49 -2.09 -1.07
C GLU B 233 7.19 -1.28 -0.95
N LYS B 234 7.28 -0.01 -0.54
CA LYS B 234 6.10 0.83 -0.26
C LYS B 234 6.04 2.05 -1.16
N ASN B 235 4.81 2.44 -1.43
CA ASN B 235 4.46 3.62 -2.24
C ASN B 235 4.21 4.80 -1.27
N THR B 236 3.91 5.97 -1.80
CA THR B 236 3.72 7.19 -1.00
C THR B 236 2.60 6.98 0.02
N ALA B 237 1.46 6.40 -0.37
CA ALA B 237 0.30 6.24 0.54
C ALA B 237 0.76 5.41 1.74
N GLN B 238 1.52 4.32 1.52
CA GLN B 238 1.92 3.43 2.63
C GLN B 238 2.94 4.15 3.54
N ILE B 239 3.83 4.96 2.97
CA ILE B 239 4.87 5.70 3.77
C ILE B 239 4.16 6.76 4.61
N GLU B 240 3.19 7.48 4.07
CA GLU B 240 2.35 8.45 4.84
C GLU B 240 1.67 7.78 6.02
N ALA B 241 1.10 6.59 5.80
CA ALA B 241 0.47 5.79 6.86
C ALA B 241 1.54 5.38 7.89
N ASP B 242 2.74 5.04 7.45
CA ASP B 242 3.83 4.67 8.40
C ASP B 242 4.20 5.89 9.29
N PHE B 243 4.31 7.07 8.69
CA PHE B 243 4.59 8.32 9.46
C PHE B 243 3.48 8.57 10.48
N GLN B 244 2.20 8.54 10.05
CA GLN B 244 1.00 8.72 10.89
C GLN B 244 0.97 7.68 12.03
N ALA B 245 1.36 6.43 11.77
CA ALA B 245 1.39 5.36 12.76
C ALA B 245 2.66 5.42 13.66
N GLY B 246 3.56 6.41 13.55
CA GLY B 246 4.67 6.56 14.50
C GLY B 246 5.89 5.73 14.18
N LYS B 247 6.06 5.33 12.90
CA LYS B 247 7.19 4.50 12.45
C LYS B 247 8.32 5.32 11.85
N CYS B 248 8.21 6.65 11.65
CA CYS B 248 9.22 7.42 10.88
C CYS B 248 9.42 8.75 11.54
N ALA B 249 10.65 9.26 11.59
CA ALA B 249 10.93 10.55 12.27
C ALA B 249 10.73 11.69 11.29
N VAL B 250 10.94 11.44 9.98
CA VAL B 250 11.05 12.48 8.94
C VAL B 250 10.47 11.94 7.64
N PHE B 251 9.68 12.77 6.99
CA PHE B 251 8.94 12.41 5.75
C PHE B 251 8.66 13.67 4.95
N ALA B 252 8.93 13.66 3.63
CA ALA B 252 8.58 14.75 2.70
C ALA B 252 7.13 14.59 2.21
N SER B 253 6.32 15.63 2.29
CA SER B 253 4.95 15.66 1.76
C SER B 253 4.55 17.11 1.55
N GLY B 254 3.29 17.29 1.20
CA GLY B 254 2.67 18.59 0.90
C GLY B 254 1.94 19.10 2.12
N PRO B 255 1.34 20.30 2.04
CA PRO B 255 0.70 20.92 3.18
C PRO B 255 -0.59 20.25 3.63
N TRP B 256 -1.11 19.33 2.83
CA TRP B 256 -2.38 18.67 3.15
C TRP B 256 -2.23 17.92 4.47
N MET B 257 -1.03 17.42 4.78
CA MET B 257 -0.91 16.58 5.99
C MET B 257 -1.19 17.42 7.24
N ILE B 258 -0.97 18.73 7.22
CA ILE B 258 -1.36 19.62 8.37
C ILE B 258 -2.85 19.42 8.70
N GLN B 259 -3.68 19.45 7.65
CA GLN B 259 -5.14 19.35 7.78
C GLN B 259 -5.45 17.94 8.26
N ARG B 260 -4.77 16.91 7.73
CA ARG B 260 -5.12 15.52 8.06
C ARG B 260 -4.79 15.29 9.54
N ALA B 261 -3.80 16.02 10.12
CA ALA B 261 -3.42 15.92 11.54
C ALA B 261 -4.57 16.38 12.44
N GLN B 262 -5.53 17.15 11.92
CA GLN B 262 -6.70 17.69 12.68
C GLN B 262 -7.92 16.84 12.46
N VAL B 263 -7.87 15.80 11.63
CA VAL B 263 -9.05 14.96 11.28
C VAL B 263 -8.95 13.59 11.97
N PRO B 264 -10.03 13.08 12.60
CA PRO B 264 -10.00 11.76 13.21
C PRO B 264 -9.55 10.66 12.24
N GLU B 265 -8.92 9.60 12.78
CA GLU B 265 -8.56 8.40 11.99
C GLU B 265 -9.74 7.87 11.15
N ALA B 266 -10.92 7.81 11.75
CA ALA B 266 -12.14 7.20 11.18
C ALA B 266 -12.56 8.06 9.99
N LYS B 267 -12.12 9.33 9.90
CA LYS B 267 -12.42 10.23 8.77
C LYS B 267 -11.22 10.38 7.84
N GLY B 268 -10.17 9.54 7.96
CA GLY B 268 -9.03 9.52 7.04
C GLY B 268 -7.84 10.39 7.47
N GLY B 269 -7.91 10.98 8.66
CA GLY B 269 -6.84 11.73 9.31
C GLY B 269 -5.98 10.94 10.30
N PHE B 270 -5.20 11.65 11.11
CA PHE B 270 -4.41 11.00 12.17
C PHE B 270 -4.41 11.80 13.46
N ALA B 271 -5.53 12.47 13.78
CA ALA B 271 -5.62 13.40 14.94
C ALA B 271 -5.25 12.73 16.26
N GLU B 272 -5.61 11.48 16.45
CA GLU B 272 -5.40 10.76 17.74
C GLU B 272 -3.93 10.35 17.90
N ARG B 273 -3.12 10.36 16.85
CA ARG B 273 -1.79 9.74 16.78
C ARG B 273 -0.73 10.68 17.39
N THR B 274 0.28 10.09 17.98
CA THR B 274 1.42 10.84 18.53
C THR B 274 2.01 11.82 17.49
N ALA B 275 2.17 11.42 16.25
CA ALA B 275 2.66 12.27 15.15
C ALA B 275 1.86 13.59 15.07
N ALA B 276 0.55 13.54 15.22
CA ALA B 276 -0.33 14.73 15.09
C ALA B 276 -0.06 15.70 16.24
N LYS B 277 0.35 15.19 17.39
CA LYS B 277 0.57 15.97 18.63
C LYS B 277 2.04 16.43 18.73
N ASN B 278 2.90 16.01 17.78
CA ASN B 278 4.36 16.29 17.81
C ASN B 278 4.85 16.60 16.40
N LEU B 279 4.11 17.44 15.69
CA LEU B 279 4.29 17.63 14.26
C LEU B 279 5.07 18.91 14.02
N GLY B 280 6.15 18.78 13.27
CA GLY B 280 6.96 19.91 12.78
C GLY B 280 7.07 19.86 11.29
N VAL B 281 7.40 20.98 10.70
CA VAL B 281 7.72 21.06 9.26
C VAL B 281 8.94 21.95 9.07
N ALA B 282 9.79 21.54 8.15
CA ALA B 282 10.95 22.37 7.74
C ALA B 282 11.08 22.30 6.23
N PRO B 283 11.56 23.37 5.60
CA PRO B 283 11.83 23.35 4.16
C PRO B 283 12.94 22.37 3.84
N TYR B 284 12.99 21.97 2.58
CA TYR B 284 14.13 21.23 2.02
C TYR B 284 15.42 22.01 2.30
N PRO B 285 16.50 21.25 2.64
CA PRO B 285 17.83 21.85 2.84
C PRO B 285 18.39 22.47 1.55
N ALA B 286 19.26 23.46 1.61
CA ALA B 286 20.08 23.88 0.45
C ALA B 286 21.02 22.74 0.03
N GLY B 287 21.12 22.46 -1.26
CA GLY B 287 22.14 21.54 -1.78
C GLY B 287 23.35 22.35 -2.21
N PRO B 288 24.35 21.73 -2.86
CA PRO B 288 25.56 22.42 -3.26
C PRO B 288 25.35 23.64 -4.15
N LYS B 289 24.38 23.61 -5.06
CA LYS B 289 24.27 24.64 -6.09
C LYS B 289 22.97 25.41 -5.97
N GLY B 290 22.18 25.18 -4.94
CA GLY B 290 20.98 26.00 -4.71
C GLY B 290 19.98 25.28 -3.84
N ARG B 291 18.89 25.97 -3.58
CA ARG B 291 17.86 25.51 -2.64
C ARG B 291 16.54 25.45 -3.42
N TYR B 292 15.94 24.28 -3.57
CA TYR B 292 14.71 24.12 -4.35
C TYR B 292 13.78 23.12 -3.66
N THR B 293 12.50 23.25 -3.97
CA THR B 293 11.53 22.17 -3.70
C THR B 293 10.57 22.08 -4.88
N PHE B 294 9.89 20.96 -5.01
CA PHE B 294 8.81 20.77 -6.00
C PHE B 294 7.62 21.65 -5.66
N PHE B 295 7.19 22.48 -6.61
CA PHE B 295 5.98 23.32 -6.50
C PHE B 295 4.97 22.85 -7.59
N GLY B 296 3.86 22.29 -7.14
CA GLY B 296 2.77 21.84 -8.01
C GLY B 296 1.41 22.33 -7.60
N GLY B 297 0.45 21.43 -7.73
CA GLY B 297 -0.95 21.82 -7.60
C GLY B 297 -1.76 21.27 -8.73
N SER B 298 -2.99 21.73 -8.80
CA SER B 298 -3.95 21.28 -9.79
C SER B 298 -4.69 22.49 -10.34
N ASN B 299 -5.05 22.35 -11.62
CA ASN B 299 -5.82 23.34 -12.36
C ASN B 299 -7.12 22.66 -12.78
N LEU B 300 -8.03 23.41 -13.35
CA LEU B 300 -9.28 22.90 -13.95
C LEU B 300 -9.29 23.23 -15.44
N ALA B 301 -9.79 22.31 -16.24
CA ALA B 301 -9.75 22.46 -17.71
C ALA B 301 -11.10 22.03 -18.24
N LEU B 302 -11.48 22.63 -19.36
CA LEU B 302 -12.79 22.38 -20.00
C LEU B 302 -12.55 21.66 -21.31
N PHE B 303 -13.05 20.45 -21.45
CA PHE B 303 -12.97 19.68 -22.70
C PHE B 303 -13.78 20.43 -23.78
N ASN B 304 -13.16 20.59 -24.95
CA ASN B 304 -13.77 21.37 -26.07
C ASN B 304 -14.97 20.62 -26.64
N PHE B 305 -15.21 19.36 -26.25
CA PHE B 305 -16.42 18.63 -26.66
C PHE B 305 -17.58 18.91 -25.70
N SER B 306 -17.38 19.66 -24.61
CA SER B 306 -18.47 19.99 -23.68
C SER B 306 -19.62 20.65 -24.49
N LYS B 307 -20.85 20.37 -24.10
CA LYS B 307 -22.06 21.03 -24.63
C LYS B 307 -22.55 22.08 -23.63
N ASN B 308 -21.80 22.39 -22.57
CA ASN B 308 -22.24 23.43 -21.62
C ASN B 308 -21.10 24.42 -21.38
N LYS B 309 -20.47 24.95 -22.43
CA LYS B 309 -19.22 25.73 -22.31
C LYS B 309 -19.46 26.99 -21.48
N PRO B 310 -20.52 27.78 -21.75
CA PRO B 310 -20.75 29.01 -20.99
C PRO B 310 -20.92 28.75 -19.49
N LEU B 311 -21.78 27.80 -19.13
CA LEU B 311 -22.03 27.45 -17.73
C LEU B 311 -20.75 26.87 -17.07
N ALA B 312 -20.03 26.02 -17.78
CA ALA B 312 -18.77 25.42 -17.33
C ALA B 312 -17.79 26.55 -16.97
N LYS B 313 -17.66 27.55 -17.84
CA LYS B 313 -16.75 28.68 -17.60
C LYS B 313 -17.24 29.50 -16.40
N GLU B 314 -18.54 29.64 -16.20
CA GLU B 314 -19.07 30.25 -14.94
C GLU B 314 -18.56 29.42 -13.75
N LEU B 315 -18.60 28.07 -13.82
CA LEU B 315 -18.13 27.22 -12.70
C LEU B 315 -16.61 27.43 -12.56
N LEU B 316 -15.85 27.54 -13.63
CA LEU B 316 -14.42 27.85 -13.55
C LEU B 316 -14.19 29.19 -12.85
N LYS B 317 -14.95 30.22 -13.18
CA LYS B 317 -14.77 31.52 -12.51
C LYS B 317 -15.09 31.40 -11.03
N TYR B 318 -16.12 30.64 -10.69
CA TYR B 318 -16.53 30.46 -9.28
C TYR B 318 -15.41 29.72 -8.52
N LEU B 319 -14.93 28.60 -9.07
CA LEU B 319 -13.94 27.77 -8.36
C LEU B 319 -12.60 28.50 -8.29
N GLY B 320 -12.32 29.32 -9.30
CA GLY B 320 -11.07 30.10 -9.35
C GLY B 320 -11.08 31.37 -8.52
N GLY B 321 -12.25 31.83 -8.09
CA GLY B 321 -12.46 33.12 -7.40
C GLY B 321 -12.20 33.08 -5.89
N PRO B 322 -12.06 34.28 -5.29
CA PRO B 322 -11.55 34.40 -3.92
C PRO B 322 -12.23 33.52 -2.85
N GLU B 323 -13.57 33.52 -2.84
CA GLU B 323 -14.35 32.82 -1.80
C GLU B 323 -14.12 31.28 -1.90
N ALA B 324 -14.29 30.70 -3.10
CA ALA B 324 -14.12 29.25 -3.28
C ALA B 324 -12.63 28.86 -3.13
N GLN B 325 -11.71 29.76 -3.50
CA GLN B 325 -10.25 29.60 -3.36
C GLN B 325 -9.91 29.42 -1.89
N VAL B 326 -10.40 30.26 -1.00
CA VAL B 326 -10.17 30.12 0.46
C VAL B 326 -10.86 28.83 0.93
N ARG B 327 -12.13 28.66 0.59
CA ARG B 327 -12.91 27.52 1.12
C ARG B 327 -12.27 26.17 0.75
N TYR B 328 -11.87 26.01 -0.49
CA TYR B 328 -11.39 24.67 -0.93
C TYR B 328 -10.02 24.40 -0.31
N ALA B 329 -9.17 25.43 -0.18
CA ALA B 329 -7.87 25.30 0.49
C ALA B 329 -8.12 24.88 1.94
N GLN B 330 -9.11 25.49 2.61
CA GLN B 330 -9.47 25.12 4.01
C GLN B 330 -9.83 23.64 4.09
N MET B 331 -10.62 23.19 3.13
CA MET B 331 -11.19 21.83 3.13
C MET B 331 -10.06 20.83 2.84
N THR B 332 -9.10 21.20 2.00
CA THR B 332 -8.14 20.25 1.42
C THR B 332 -6.84 20.23 2.23
N GLY B 333 -6.48 21.31 2.88
CA GLY B 333 -5.13 21.53 3.42
C GLY B 333 -4.14 21.99 2.31
N MET B 334 -4.63 22.29 1.11
CA MET B 334 -3.77 22.81 0.03
C MET B 334 -3.65 24.34 0.22
N LEU B 335 -2.78 24.98 -0.55
CA LEU B 335 -2.82 26.45 -0.63
C LEU B 335 -3.70 26.87 -1.81
N PRO B 336 -4.32 28.05 -1.73
CA PRO B 336 -5.01 28.61 -2.85
C PRO B 336 -4.07 28.76 -4.05
N ALA B 337 -4.65 28.75 -5.22
CA ALA B 337 -3.91 29.06 -6.45
C ALA B 337 -3.85 30.57 -6.61
N LEU B 338 -4.87 31.28 -6.11
CA LEU B 338 -5.03 32.75 -6.23
C LEU B 338 -4.22 33.43 -5.13
N ARG B 339 -3.23 34.23 -5.54
CA ARG B 339 -2.17 34.77 -4.67
C ARG B 339 -2.82 35.55 -3.51
N SER B 340 -3.84 36.38 -3.78
CA SER B 340 -4.47 37.26 -2.78
C SER B 340 -5.07 36.41 -1.65
N ALA B 341 -5.53 35.21 -1.94
CA ALA B 341 -6.16 34.32 -0.92
C ALA B 341 -5.14 33.81 0.09
N TRP B 342 -3.83 33.91 -0.16
CA TRP B 342 -2.80 33.46 0.81
C TRP B 342 -2.87 34.31 2.07
N SER B 343 -3.34 35.55 1.94
CA SER B 343 -3.48 36.50 3.07
C SER B 343 -4.67 36.17 3.96
N ASP B 344 -5.51 35.19 3.62
CA ASP B 344 -6.63 34.90 4.55
C ASP B 344 -6.04 34.53 5.92
N PRO B 345 -6.60 35.11 7.01
CA PRO B 345 -6.18 34.79 8.38
C PRO B 345 -6.18 33.30 8.74
N SER B 346 -7.00 32.49 8.08
CA SER B 346 -7.05 31.04 8.37
C SER B 346 -5.69 30.42 8.01
N PHE B 347 -5.00 30.90 6.96
CA PHE B 347 -3.66 30.40 6.56
C PHE B 347 -2.58 31.11 7.38
N GLN B 348 -2.73 32.41 7.63
CA GLN B 348 -1.65 33.20 8.28
C GLN B 348 -1.48 32.82 9.76
N GLN B 349 -2.53 32.38 10.45
CA GLN B 349 -2.49 31.92 11.86
C GLN B 349 -2.08 30.44 12.02
N ASN B 350 -1.75 29.75 10.95
CA ASN B 350 -1.46 28.30 10.94
C ASN B 350 0.06 28.20 10.88
N PRO B 351 0.73 27.93 11.99
CA PRO B 351 2.19 27.96 12.03
C PRO B 351 2.90 27.01 11.05
N LEU B 352 2.46 25.75 10.87
CA LEU B 352 3.16 24.89 9.88
C LEU B 352 2.83 25.35 8.45
N LEU B 353 1.62 25.83 8.21
CA LEU B 353 1.33 26.34 6.87
C LEU B 353 2.19 27.58 6.57
N ARG B 354 2.43 28.46 7.53
CA ARG B 354 3.33 29.64 7.38
CA ARG B 354 3.30 29.65 7.31
C ARG B 354 4.70 29.12 6.90
N THR B 355 5.14 27.98 7.42
CA THR B 355 6.44 27.40 6.97
C THR B 355 6.37 27.00 5.49
N PHE B 356 5.32 26.34 5.03
CA PHE B 356 5.11 26.05 3.60
C PHE B 356 5.09 27.37 2.81
N ILE B 357 4.38 28.39 3.30
CA ILE B 357 4.27 29.70 2.60
C ILE B 357 5.70 30.27 2.40
N GLN B 358 6.52 30.26 3.40
CA GLN B 358 7.91 30.79 3.26
C GLN B 358 8.72 29.89 2.32
N ALA B 359 8.49 28.59 2.37
CA ALA B 359 9.21 27.61 1.56
C ALA B 359 8.90 27.82 0.07
N ALA B 360 7.74 28.42 -0.26
CA ALA B 360 7.29 28.66 -1.67
C ALA B 360 8.30 29.56 -2.41
N GLN B 361 9.09 30.31 -1.68
CA GLN B 361 10.13 31.19 -2.29
C GLN B 361 11.10 30.35 -3.10
N PHE B 362 11.34 29.09 -2.72
CA PHE B 362 12.30 28.18 -3.38
C PHE B 362 11.56 27.17 -4.25
N GLY B 363 10.28 27.40 -4.49
CA GLY B 363 9.47 26.50 -5.30
C GLY B 363 9.99 26.46 -6.73
N ARG B 364 10.02 25.27 -7.31
CA ARG B 364 10.46 25.08 -8.70
C ARG B 364 9.45 24.19 -9.40
N THR B 365 9.07 24.56 -10.61
CA THR B 365 8.08 23.80 -11.39
C THR B 365 8.81 22.99 -12.48
N TYR B 366 8.15 21.96 -12.97
CA TYR B 366 8.59 21.27 -14.18
C TYR B 366 8.29 22.17 -15.37
N PRO B 367 9.11 22.11 -16.45
CA PRO B 367 8.75 22.71 -17.73
C PRO B 367 7.43 22.09 -18.26
N SER B 368 6.59 22.90 -18.91
CA SER B 368 5.18 22.60 -19.27
C SER B 368 5.13 21.90 -20.63
N LEU B 369 5.68 20.70 -20.78
CA LEU B 369 5.96 20.09 -22.12
C LEU B 369 4.84 19.17 -22.58
N ALA B 370 4.57 19.18 -23.89
CA ALA B 370 3.69 18.20 -24.60
C ALA B 370 4.05 16.77 -24.22
N GLY B 371 5.34 16.43 -24.15
CA GLY B 371 5.78 15.05 -23.92
C GLY B 371 5.96 14.69 -22.45
N TRP B 372 5.49 15.53 -21.52
CA TRP B 372 5.88 15.39 -20.09
C TRP B 372 5.50 14.02 -19.55
N GLY B 373 4.31 13.54 -19.87
CA GLY B 373 3.82 12.24 -19.37
C GLY B 373 4.81 11.13 -19.61
N GLY B 374 5.34 11.04 -20.83
CA GLY B 374 6.33 10.02 -21.25
C GLY B 374 7.68 10.27 -20.63
N VAL B 375 8.11 11.52 -20.55
CA VAL B 375 9.37 11.88 -19.86
C VAL B 375 9.35 11.35 -18.39
N GLU B 376 8.35 11.74 -17.59
CA GLU B 376 8.29 11.37 -16.17
C GLU B 376 8.11 9.85 -16.05
N ASN B 377 7.30 9.24 -16.92
CA ASN B 377 7.06 7.78 -16.85
C ASN B 377 8.38 7.06 -17.05
N LEU B 378 9.13 7.49 -18.07
CA LEU B 378 10.40 6.79 -18.41
C LEU B 378 11.37 7.04 -17.28
N ALA B 379 11.45 8.26 -16.76
CA ALA B 379 12.38 8.60 -15.67
C ALA B 379 12.09 7.69 -14.45
N VAL B 380 10.81 7.55 -14.06
CA VAL B 380 10.45 6.82 -12.82
C VAL B 380 10.67 5.32 -13.01
N GLN B 381 10.54 4.79 -14.21
CA GLN B 381 10.84 3.34 -14.46
C GLN B 381 12.32 3.08 -14.16
N HIS B 382 13.22 3.95 -14.65
CA HIS B 382 14.68 3.82 -14.39
C HIS B 382 15.00 4.12 -12.92
N LEU B 383 14.35 5.12 -12.32
CA LEU B 383 14.59 5.43 -10.89
C LEU B 383 14.14 4.23 -10.02
N GLY B 384 13.04 3.57 -10.40
CA GLY B 384 12.56 2.32 -9.76
C GLY B 384 13.65 1.26 -9.78
N MET B 385 14.41 1.15 -10.87
CA MET B 385 15.51 0.15 -11.01
C MET B 385 16.65 0.54 -10.08
N ALA B 386 16.90 1.84 -9.89
CA ALA B 386 17.95 2.30 -8.98
C ALA B 386 17.54 1.98 -7.54
N TRP B 387 16.25 2.12 -7.20
CA TRP B 387 15.74 1.73 -5.84
C TRP B 387 15.90 0.22 -5.66
N ASP B 388 15.72 -0.56 -6.73
CA ASP B 388 15.95 -2.04 -6.67
C ASP B 388 17.41 -2.35 -6.30
N LEU B 389 18.40 -1.65 -6.85
CA LEU B 389 19.82 -1.83 -6.43
C LEU B 389 20.02 -1.37 -4.99
N VAL B 390 19.37 -0.26 -4.60
CA VAL B 390 19.47 0.23 -3.20
C VAL B 390 19.02 -0.91 -2.29
N ALA B 391 17.91 -1.56 -2.58
CA ALA B 391 17.37 -2.64 -1.70
C ALA B 391 18.38 -3.79 -1.61
N GLN B 392 19.29 -3.95 -2.55
CA GLN B 392 20.27 -5.06 -2.54
C GLN B 392 21.62 -4.55 -2.00
N GLY B 393 21.72 -3.29 -1.60
CA GLY B 393 22.98 -2.67 -1.18
C GLY B 393 23.97 -2.49 -2.32
N ARG B 394 23.53 -2.47 -3.56
CA ARG B 394 24.46 -2.52 -4.72
C ARG B 394 24.33 -1.26 -5.60
N LEU B 395 23.76 -0.16 -5.12
CA LEU B 395 23.73 1.06 -5.95
C LEU B 395 25.07 1.73 -5.81
N THR B 396 25.84 1.82 -6.91
CA THR B 396 27.10 2.59 -7.00
C THR B 396 26.85 3.78 -7.92
N ARG B 397 27.75 4.76 -7.95
CA ARG B 397 27.62 5.94 -8.86
C ARG B 397 27.56 5.43 -10.30
N GLU B 398 28.36 4.40 -10.59
CA GLU B 398 28.51 3.81 -11.94
C GLU B 398 27.20 3.14 -12.35
N ALA B 399 26.59 2.32 -11.48
CA ALA B 399 25.30 1.65 -11.83
C ALA B 399 24.20 2.70 -12.05
N LEU B 400 24.16 3.75 -11.21
CA LEU B 400 23.16 4.83 -11.36
C LEU B 400 23.41 5.54 -12.71
N LYS B 401 24.66 5.79 -13.09
CA LYS B 401 25.00 6.47 -14.37
C LYS B 401 24.49 5.62 -15.54
N ASP B 402 24.67 4.31 -15.45
CA ASP B 402 24.21 3.35 -16.50
C ASP B 402 22.69 3.47 -16.61
N LEU B 403 21.99 3.47 -15.48
CA LEU B 403 20.49 3.57 -15.48
C LEU B 403 20.03 4.94 -15.99
N MET B 404 20.72 6.03 -15.65
CA MET B 404 20.28 7.38 -16.12
C MET B 404 20.70 7.62 -17.59
N ASP B 405 21.76 6.96 -18.05
CA ASP B 405 22.10 6.97 -19.51
C ASP B 405 20.95 6.32 -20.32
N LYS B 406 20.52 5.14 -19.90
CA LYS B 406 19.34 4.44 -20.48
C LYS B 406 18.12 5.35 -20.46
N ALA B 407 17.80 5.91 -19.29
CA ALA B 407 16.62 6.78 -19.16
C ALA B 407 16.74 7.91 -20.20
N SER B 408 17.93 8.53 -20.32
CA SER B 408 18.08 9.75 -21.16
C SER B 408 17.93 9.38 -22.63
N ALA B 409 18.46 8.24 -23.05
CA ALA B 409 18.30 7.75 -24.44
C ALA B 409 16.81 7.62 -24.72
N ALA B 410 16.06 6.94 -23.84
CA ALA B 410 14.62 6.64 -24.03
C ALA B 410 13.82 7.95 -24.03
N ILE B 411 14.13 8.84 -23.10
CA ILE B 411 13.44 10.15 -22.98
C ILE B 411 13.71 11.01 -24.22
N ASN B 412 14.95 11.11 -24.68
CA ASN B 412 15.29 11.90 -25.90
C ASN B 412 14.54 11.36 -27.10
N GLN B 413 14.40 10.03 -27.21
CA GLN B 413 13.61 9.39 -28.31
C GLN B 413 12.14 9.83 -28.21
N ALA B 414 11.52 9.73 -27.04
CA ALA B 414 10.10 10.09 -26.84
C ALA B 414 9.90 11.58 -27.16
N LEU B 415 10.86 12.45 -26.81
CA LEU B 415 10.75 13.91 -27.07
C LEU B 415 10.90 14.21 -28.58
N ARG B 416 11.67 13.45 -29.37
CA ARG B 416 11.69 13.58 -30.86
C ARG B 416 10.38 13.02 -31.45
C2 BGC C . 1.92 -15.24 -8.29
C3 BGC C . 0.92 -16.02 -7.48
C4 BGC C . 1.59 -17.08 -6.58
C5 BGC C . 3.11 -16.91 -6.19
C6 BGC C . 3.95 -18.22 -6.27
C1 BGC C . 2.99 -14.77 -7.32
O1 BGC C . 3.78 -13.77 -7.94
O2 BGC C . 1.26 -14.14 -8.89
O3 BGC C . -0.03 -16.66 -8.33
O4 BGC C . 0.77 -17.21 -5.40
O5 BGC C . 3.78 -15.91 -6.96
O6 BGC C . 3.17 -19.44 -6.23
C2 BGC C . -1.02 -16.34 -4.14
C3 BGC C . -1.39 -15.37 -3.03
C4 BGC C . -0.31 -15.34 -1.97
C5 BGC C . 1.02 -15.03 -2.65
C6 BGC C . 2.28 -14.84 -1.78
C1 BGC C . 0.41 -16.09 -4.61
O2 BGC C . -1.92 -16.29 -5.25
O3 BGC C . -2.60 -15.83 -2.44
O4 BGC C . -0.62 -14.34 -1.02
O5 BGC C . 1.28 -16.15 -3.49
O6 BGC C . 2.21 -15.73 -0.69
C2 BGC C . -1.05 -13.44 1.14
C3 BGC C . -1.73 -13.69 2.47
C4 BGC C . -3.12 -14.33 2.28
C5 BGC C . -3.02 -15.56 1.39
C6 BGC C . -4.37 -16.22 1.07
C1 BGC C . -1.02 -14.71 0.31
O2 BGC C . 0.24 -12.78 1.32
O3 BGC C . -1.91 -12.41 3.12
O4 BGC C . -3.66 -14.69 3.53
O5 BGC C . -2.37 -15.22 0.17
O6 BGC C . -5.29 -15.33 0.45
C2 BGC C . -5.58 -14.82 4.98
C3 BGC C . -6.63 -13.96 5.63
C4 BGC C . -5.99 -12.67 6.19
C5 BGC C . -5.21 -11.93 5.11
C6 BGC C . -4.64 -10.60 5.55
C1 BGC C . -4.75 -13.94 4.04
O2 BGC C . -6.12 -15.93 4.21
O3 BGC C . -7.30 -14.69 6.64
O4 BGC C . -6.98 -11.78 6.58
O5 BGC C . -4.20 -12.80 4.69
O6 BGC C . -3.55 -10.85 6.41
C2 BGC D . -6.89 10.02 2.90
C3 BGC D . -6.29 11.24 2.18
C4 BGC D . -4.88 11.54 2.66
C5 BGC D . -4.01 10.27 2.73
C6 BGC D . -2.69 10.60 3.46
C1 BGC D . -5.94 8.83 2.90
O1 BGC D . -6.47 7.88 3.80
O2 BGC D . -8.12 9.63 2.28
O3 BGC D . -7.09 12.40 2.46
O4 BGC D . -4.23 12.58 1.88
O5 BGC D . -4.66 9.20 3.41
O6 BGC D . -1.67 9.70 3.01
C2 BGC D . -4.31 13.66 -0.30
C3 BGC D . -3.80 13.58 -1.73
C4 BGC D . -2.48 12.80 -1.86
C5 BGC D . -2.59 11.44 -1.13
C6 BGC D . -1.37 10.49 -1.11
C1 BGC D . -4.14 12.33 0.46
O2 BGC D . -5.71 13.99 -0.25
O3 BGC D . -3.71 14.93 -2.24
O4 BGC D . -2.20 12.50 -3.25
O5 BGC D . -2.88 11.70 0.26
O6 BGC D . -0.15 11.19 -0.94
C2 BGC D . -0.90 12.68 -5.17
C3 BGC D . 0.07 13.55 -5.94
C4 BGC D . -0.47 14.97 -5.92
C5 BGC D . -0.78 15.48 -4.54
C6 BGC D . -1.40 16.86 -4.52
C1 BGC D . -1.16 13.27 -3.80
O2 BGC D . -0.43 11.35 -5.08
O3 BGC D . 0.21 13.05 -7.29
O4 BGC D . 0.53 15.82 -6.50
O5 BGC D . -1.68 14.61 -3.91
O6 BGC D . -2.67 16.90 -5.26
C2 BGC D . 0.98 17.56 -8.06
C3 BGC D . 0.75 18.00 -9.51
C4 BGC D . 1.03 16.88 -10.48
C5 BGC D . 0.23 15.64 -10.06
C6 BGC D . 0.50 14.54 -11.08
C1 BGC D . 0.23 16.27 -7.79
O2 BGC D . 0.45 18.59 -7.25
O3 BGC D . 1.60 19.12 -9.75
O4 BGC D . 0.70 17.25 -11.83
O5 BGC D . 0.58 15.26 -8.71
O6 BGC D . 1.79 13.93 -10.97
CL CL E . -4.91 -15.80 19.40
CL CL F . 7.53 -14.94 11.46
S SO3 G . 18.81 -22.73 23.04
O1 SO3 G . 19.11 -21.28 23.13
O2 SO3 G . 18.18 -22.85 21.68
O3 SO3 G . 17.65 -22.92 23.95
C1 EDO H . -4.29 -9.84 -14.25
O1 EDO H . -4.49 -9.98 -12.86
C2 EDO H . -3.96 -11.11 -14.90
O2 EDO H . -5.12 -11.72 -15.38
C1 FJO I . 1.80 -13.05 5.39
C2 FJO I . 1.68 -14.59 5.22
O3 FJO I . 0.36 -15.04 4.95
C FJO I . 3.30 -12.66 5.41
O2 FJO I . 4.09 -13.87 5.37
O1 FJO I . 3.66 -11.92 4.25
O FJO I . 3.72 -11.95 6.57
CL CL J . 13.66 20.15 -14.61
C1 EDO K . 7.37 32.02 10.52
O1 EDO K . 6.02 32.15 10.90
C2 EDO K . 7.44 31.97 9.07
O2 EDO K . 6.65 32.98 8.55
C1 FJO L . 3.94 10.96 -6.55
C2 FJO L . 3.38 11.85 -5.42
O3 FJO L . 4.00 13.12 -5.31
C FJO L . 4.47 9.69 -5.95
O2 FJO L . 5.21 10.11 -4.86
O1 FJO L . 3.46 8.82 -5.60
O FJO L . 5.27 8.99 -6.82
#